data_4QN5
#
_entry.id   4QN5
#
_cell.length_a   112.251
_cell.length_b   112.251
_cell.length_c   66.756
_cell.angle_alpha   90.00
_cell.angle_beta   90.00
_cell.angle_gamma   90.00
#
_symmetry.space_group_name_H-M   'P 4'
#
loop_
_entity.id
_entity.type
_entity.pdbx_description
1 polymer Neuraminidase
2 branched 'N-acetyl-alpha-neuraminic acid-(2-6)-beta-D-galactopyranose'
3 branched 2-acetamido-2-deoxy-beta-D-glucopyranose-(1-4)-2-acetamido-2-deoxy-beta-D-glucopyranose
4 non-polymer 'CALCIUM ION'
5 non-polymer 2-acetamido-2-deoxy-beta-D-glucopyranose
6 non-polymer 'N-acetyl-alpha-neuraminic acid'
7 water water
#
_entity_poly.entity_id   1
_entity_poly.type   'polypeptide(L)'
_entity_poly.pdbx_seq_one_letter_code
;PEFLNNTEPLCNVSGFAIVSKDNGIRIGSRGHVFVIREPFVACGPTECRTFFLTQGALLNDKHSNNTVKDRSPYRALMSV
PLGSSPNAYQAKFESVAWSATACHDGKKWLAVGISGADDDAYAVIHYGGMPTDVVRSWRKQILRTQESSCVCMNGNCYWV
MTDGPANSQASYKIFKSHEGMVTNEREVSFQGGHIEECSCYPNLGKVECVCRDNWNGMNRPILIFDEDLDYEVGYLCAGI
PTDTPRVQDSSFTGSCTNAVGGSGTNNYGVKGFGFRQGNSVWAGRTVSISSRSGFEILLIEDGWIRTSKTIVKKVEVLNN
KNWSGYSGAFTIPITMTSKQCLVPCFWLEMIRGKPEERTSIWTSSSSTVFCGVSSEVPGWSWDDGAILPFDIDKM
;
_entity_poly.pdbx_strand_id   A,B
#
# COMPACT_ATOMS: atom_id res chain seq x y z
N PRO A 1 3.14 -20.39 -22.05
CA PRO A 1 3.77 -19.72 -20.90
C PRO A 1 2.74 -19.01 -20.03
N GLU A 2 2.80 -19.25 -18.72
CA GLU A 2 1.89 -18.60 -17.78
C GLU A 2 2.66 -17.87 -16.70
N PHE A 3 2.00 -16.92 -16.04
CA PHE A 3 2.62 -16.21 -14.94
C PHE A 3 2.85 -17.15 -13.77
N LEU A 4 3.97 -16.96 -13.07
CA LEU A 4 4.25 -17.71 -11.85
C LEU A 4 3.34 -17.21 -10.72
N ASN A 5 2.70 -18.13 -10.02
CA ASN A 5 1.91 -17.76 -8.85
C ASN A 5 2.81 -17.15 -7.78
N ASN A 6 3.76 -17.93 -7.30
CA ASN A 6 4.70 -17.49 -6.28
C ASN A 6 4.02 -17.04 -4.99
N THR A 7 2.91 -17.68 -4.67
CA THR A 7 2.14 -17.32 -3.48
C THR A 7 2.24 -18.39 -2.40
N GLU A 8 3.07 -19.40 -2.65
CA GLU A 8 3.30 -20.46 -1.68
C GLU A 8 4.05 -19.94 -0.46
N PRO A 9 3.98 -20.67 0.65
CA PRO A 9 4.79 -20.33 1.83
C PRO A 9 6.27 -20.54 1.54
N LEU A 10 7.13 -19.80 2.23
CA LEU A 10 8.56 -20.04 2.15
C LEU A 10 8.89 -21.32 2.90
N CYS A 11 9.78 -22.13 2.34
CA CYS A 11 10.20 -23.36 3.00
C CYS A 11 10.92 -23.07 4.32
N ASN A 12 10.69 -23.94 5.32
CA ASN A 12 11.52 -23.93 6.52
C ASN A 12 12.75 -24.78 6.26
N VAL A 13 13.93 -24.18 6.43
CA VAL A 13 15.16 -24.90 6.13
C VAL A 13 16.07 -24.99 7.35
N SER A 14 16.87 -26.04 7.41
CA SER A 14 17.74 -26.30 8.55
C SER A 14 19.21 -26.10 8.20
N GLY A 15 19.48 -25.84 6.92
CA GLY A 15 20.83 -25.65 6.47
C GLY A 15 20.89 -25.03 5.08
N PHE A 16 22.08 -24.61 4.68
CA PHE A 16 22.28 -24.04 3.35
C PHE A 16 23.45 -24.72 2.65
N ALA A 17 23.18 -25.21 1.45
CA ALA A 17 24.18 -25.93 0.66
C ALA A 17 24.68 -25.06 -0.48
N ILE A 18 25.97 -25.13 -0.76
CA ILE A 18 26.54 -24.33 -1.84
C ILE A 18 26.05 -24.82 -3.19
N VAL A 19 25.63 -23.89 -4.04
CA VAL A 19 25.04 -24.22 -5.33
C VAL A 19 25.94 -23.77 -6.47
N SER A 20 26.67 -22.67 -6.26
CA SER A 20 27.46 -22.09 -7.33
C SER A 20 28.65 -21.27 -6.81
N LYS A 21 29.71 -21.22 -7.62
CA LYS A 21 30.84 -20.34 -7.38
C LYS A 21 31.45 -20.00 -8.74
N ASP A 22 31.53 -18.71 -9.07
CA ASP A 22 31.92 -18.33 -10.42
C ASP A 22 33.42 -18.15 -10.65
N ASN A 23 34.18 -17.95 -9.58
CA ASN A 23 35.64 -17.80 -9.68
C ASN A 23 36.05 -16.76 -10.70
N GLY A 24 35.23 -15.72 -10.85
CA GLY A 24 35.39 -14.76 -11.93
C GLY A 24 36.71 -14.00 -11.91
N ILE A 25 37.18 -13.63 -10.73
CA ILE A 25 38.41 -12.86 -10.64
C ILE A 25 39.64 -13.73 -10.93
N ARG A 26 39.66 -14.93 -10.39
CA ARG A 26 40.69 -15.91 -10.74
C ARG A 26 40.75 -16.10 -12.25
N ILE A 27 39.60 -16.33 -12.86
CA ILE A 27 39.53 -16.55 -14.31
C ILE A 27 39.97 -15.30 -15.07
N GLY A 28 39.55 -14.14 -14.57
CA GLY A 28 39.83 -12.87 -15.23
C GLY A 28 41.28 -12.42 -15.15
N SER A 29 42.11 -13.20 -14.47
CA SER A 29 43.55 -12.93 -14.47
C SER A 29 44.08 -13.08 -15.90
N ARG A 30 43.47 -13.97 -16.67
CA ARG A 30 43.88 -14.22 -18.03
C ARG A 30 42.72 -14.12 -19.03
N GLY A 31 41.57 -14.63 -18.61
CA GLY A 31 40.38 -14.58 -19.44
C GLY A 31 39.82 -13.18 -19.54
N HIS A 32 38.81 -13.01 -20.41
CA HIS A 32 38.21 -11.70 -20.61
C HIS A 32 36.93 -11.59 -19.80
N VAL A 33 37.05 -10.98 -18.63
CA VAL A 33 35.99 -10.95 -17.63
C VAL A 33 35.75 -9.51 -17.20
N PHE A 34 34.48 -9.11 -17.13
CA PHE A 34 34.14 -7.76 -16.73
C PHE A 34 34.58 -7.45 -15.31
N VAL A 35 35.02 -6.23 -15.08
CA VAL A 35 35.09 -5.68 -13.75
C VAL A 35 33.65 -5.45 -13.32
N ILE A 36 33.27 -5.93 -12.15
CA ILE A 36 31.89 -5.81 -11.71
C ILE A 36 31.80 -5.46 -10.22
N ARG A 37 30.57 -5.21 -9.79
CA ARG A 37 30.20 -5.29 -8.38
C ARG A 37 28.69 -5.45 -8.32
N GLU A 38 28.16 -5.62 -7.11
CA GLU A 38 26.72 -5.75 -6.94
C GLU A 38 26.16 -6.90 -7.76
N PRO A 39 26.77 -8.09 -7.66
CA PRO A 39 26.15 -9.23 -8.34
C PRO A 39 24.89 -9.63 -7.60
N PHE A 40 23.95 -10.26 -8.29
CA PHE A 40 22.82 -10.89 -7.62
C PHE A 40 22.26 -12.00 -8.49
N VAL A 41 21.42 -12.84 -7.89
CA VAL A 41 20.84 -13.97 -8.61
C VAL A 41 19.33 -13.83 -8.67
N ALA A 42 18.75 -14.19 -9.81
CA ALA A 42 17.30 -14.25 -9.95
C ALA A 42 16.95 -15.48 -10.75
N CYS A 43 15.80 -16.09 -10.47
CA CYS A 43 15.42 -17.32 -11.14
C CYS A 43 14.15 -17.19 -11.98
N GLY A 44 14.19 -17.77 -13.18
CA GLY A 44 13.02 -17.86 -14.03
C GLY A 44 12.44 -19.25 -13.92
N PRO A 45 11.47 -19.57 -14.78
CA PRO A 45 10.79 -20.87 -14.74
C PRO A 45 11.72 -22.03 -15.09
N THR A 46 12.77 -21.76 -15.85
CA THR A 46 13.63 -22.82 -16.37
C THR A 46 15.10 -22.69 -16.00
N GLU A 47 15.50 -21.53 -15.48
CA GLU A 47 16.90 -21.32 -15.14
C GLU A 47 17.10 -20.15 -14.18
N CYS A 48 18.21 -20.19 -13.46
CA CYS A 48 18.63 -19.06 -12.65
C CYS A 48 19.78 -18.37 -13.36
N ARG A 49 19.86 -17.05 -13.21
CA ARG A 49 20.91 -16.26 -13.84
C ARG A 49 21.59 -15.37 -12.83
N THR A 50 22.89 -15.12 -13.04
CA THR A 50 23.61 -14.16 -12.23
C THR A 50 23.63 -12.81 -12.93
N PHE A 51 23.07 -11.80 -12.27
CA PHE A 51 23.10 -10.44 -12.77
C PHE A 51 24.24 -9.69 -12.11
N PHE A 52 24.72 -8.64 -12.75
CA PHE A 52 25.82 -7.86 -12.20
C PHE A 52 25.90 -6.49 -12.84
N LEU A 53 26.48 -5.53 -12.12
CA LEU A 53 26.74 -4.22 -12.68
C LEU A 53 28.20 -4.13 -13.12
N THR A 54 28.42 -4.07 -14.43
CA THR A 54 29.77 -3.93 -14.95
C THR A 54 30.27 -2.51 -14.73
N GLN A 55 31.57 -2.33 -14.95
CA GLN A 55 32.17 -1.00 -15.00
C GLN A 55 32.52 -0.66 -16.45
N GLY A 56 31.92 -1.39 -17.38
CA GLY A 56 32.16 -1.19 -18.80
C GLY A 56 33.63 -1.39 -19.15
N ALA A 57 34.29 -2.30 -18.43
CA ALA A 57 35.73 -2.52 -18.58
C ALA A 57 36.06 -3.95 -18.16
N LEU A 58 37.20 -4.45 -18.63
CA LEU A 58 37.63 -5.81 -18.30
C LEU A 58 38.76 -5.83 -17.26
N LEU A 59 38.80 -6.91 -16.49
CA LEU A 59 39.90 -7.12 -15.54
C LEU A 59 41.25 -7.12 -16.24
N ASN A 60 42.26 -6.61 -15.55
CA ASN A 60 43.62 -6.55 -16.07
C ASN A 60 43.79 -5.63 -17.27
N ASP A 61 42.83 -4.74 -17.49
CA ASP A 61 42.96 -3.72 -18.52
C ASP A 61 43.02 -2.33 -17.88
N LYS A 62 43.60 -1.37 -18.59
CA LYS A 62 43.79 -0.02 -18.06
C LYS A 62 42.47 0.68 -17.72
N HIS A 63 41.39 0.30 -18.40
CA HIS A 63 40.08 0.91 -18.13
C HIS A 63 39.50 0.45 -16.79
N SER A 64 40.15 -0.52 -16.15
CA SER A 64 39.71 -0.95 -14.82
C SER A 64 40.20 0.00 -13.74
N ASN A 65 41.02 0.98 -14.13
CA ASN A 65 41.51 1.98 -13.20
C ASN A 65 40.36 2.75 -12.57
N ASN A 66 40.43 2.96 -11.25
CA ASN A 66 39.47 3.80 -10.54
C ASN A 66 38.04 3.23 -10.50
N THR A 67 37.94 1.90 -10.54
CA THR A 67 36.63 1.25 -10.54
C THR A 67 36.05 1.07 -9.13
N VAL A 68 36.70 1.66 -8.14
CA VAL A 68 36.11 1.71 -6.80
C VAL A 68 34.92 2.68 -6.83
N LYS A 69 34.90 3.54 -7.83
CA LYS A 69 33.82 4.50 -8.01
C LYS A 69 32.49 3.78 -8.28
N ASP A 70 31.40 4.31 -7.72
CA ASP A 70 30.11 3.62 -7.74
C ASP A 70 29.24 3.91 -8.96
N ARG A 71 29.33 5.14 -9.48
CA ARG A 71 28.45 5.54 -10.58
C ARG A 71 29.21 6.16 -11.75
N SER A 72 28.90 5.71 -12.96
CA SER A 72 29.48 6.26 -14.18
C SER A 72 28.55 5.95 -15.35
N PRO A 73 28.75 6.62 -16.49
CA PRO A 73 27.93 6.36 -17.68
C PRO A 73 28.25 5.01 -18.32
N TYR A 74 29.29 4.33 -17.84
CA TYR A 74 29.75 3.10 -18.48
C TYR A 74 29.26 1.83 -17.81
N ARG A 75 28.61 1.98 -16.65
CA ARG A 75 28.10 0.82 -15.94
C ARG A 75 26.83 0.30 -16.60
N ALA A 76 26.71 -1.02 -16.68
CA ALA A 76 25.55 -1.65 -17.29
C ALA A 76 25.15 -2.89 -16.48
N LEU A 77 23.85 -3.15 -16.43
CA LEU A 77 23.35 -4.39 -15.88
C LEU A 77 23.42 -5.46 -16.97
N MET A 78 24.10 -6.56 -16.67
CA MET A 78 24.16 -7.68 -17.61
C MET A 78 23.94 -8.97 -16.83
N SER A 79 23.79 -10.09 -17.53
CA SER A 79 23.59 -11.37 -16.86
C SER A 79 24.28 -12.52 -17.57
N VAL A 80 24.58 -13.58 -16.82
CA VAL A 80 25.11 -14.82 -17.36
C VAL A 80 24.39 -15.99 -16.68
N PRO A 81 24.48 -17.19 -17.26
CA PRO A 81 23.91 -18.37 -16.58
C PRO A 81 24.56 -18.54 -15.20
N LEU A 82 23.79 -19.03 -14.23
CA LEU A 82 24.28 -19.18 -12.87
C LEU A 82 25.57 -19.99 -12.85
N GLY A 83 26.62 -19.43 -12.24
CA GLY A 83 27.88 -20.14 -12.11
C GLY A 83 28.94 -19.74 -13.12
N SER A 84 28.54 -19.08 -14.21
CA SER A 84 29.49 -18.57 -15.17
C SER A 84 30.19 -17.33 -14.65
N SER A 85 31.42 -17.10 -15.09
CA SER A 85 32.09 -15.83 -14.81
C SER A 85 31.35 -14.74 -15.57
N PRO A 86 31.43 -13.50 -15.10
CA PRO A 86 30.79 -12.41 -15.84
C PRO A 86 31.67 -11.98 -17.01
N ASN A 87 31.76 -12.85 -18.00
CA ASN A 87 32.74 -12.65 -19.07
C ASN A 87 32.20 -11.91 -20.29
N ALA A 88 33.13 -11.44 -21.12
CA ALA A 88 32.81 -10.55 -22.23
C ALA A 88 32.00 -11.18 -23.34
N TYR A 89 31.93 -12.50 -23.38
CA TYR A 89 31.35 -13.17 -24.55
C TYR A 89 30.08 -13.98 -24.24
N GLN A 90 29.81 -14.19 -22.95
CA GLN A 90 28.55 -14.81 -22.54
C GLN A 90 27.56 -13.79 -21.99
N ALA A 91 28.08 -12.63 -21.57
CA ALA A 91 27.24 -11.64 -20.91
C ALA A 91 26.09 -11.19 -21.79
N LYS A 92 24.88 -11.19 -21.23
CA LYS A 92 23.71 -10.69 -21.92
C LYS A 92 23.38 -9.30 -21.40
N PHE A 93 23.31 -8.33 -22.30
CA PHE A 93 23.02 -6.97 -21.87
C PHE A 93 21.56 -6.84 -21.43
N GLU A 94 21.34 -6.21 -20.27
CA GLU A 94 20.00 -6.04 -19.72
C GLU A 94 19.55 -4.57 -19.68
N SER A 95 20.41 -3.69 -19.18
CA SER A 95 20.05 -2.28 -19.02
C SER A 95 21.29 -1.43 -18.81
N VAL A 96 21.23 -0.17 -19.22
CA VAL A 96 22.25 0.78 -18.76
C VAL A 96 21.91 1.01 -17.29
N ALA A 97 22.89 0.93 -16.40
CA ALA A 97 22.57 0.97 -14.97
C ALA A 97 23.78 1.10 -14.06
N TRP A 98 23.69 2.00 -13.08
CA TRP A 98 24.61 1.94 -11.94
C TRP A 98 23.90 1.54 -10.65
N SER A 99 22.62 1.20 -10.78
CA SER A 99 21.84 0.57 -9.72
C SER A 99 20.73 -0.20 -10.39
N ALA A 100 20.38 -1.38 -9.89
CA ALA A 100 19.44 -2.23 -10.62
C ALA A 100 18.72 -3.28 -9.79
N THR A 101 17.64 -3.81 -10.36
CA THR A 101 16.96 -4.99 -9.85
C THR A 101 16.41 -5.75 -11.06
N ALA A 102 16.17 -7.05 -10.90
CA ALA A 102 15.63 -7.85 -11.98
C ALA A 102 14.91 -9.07 -11.43
N CYS A 103 13.96 -9.59 -12.19
CA CYS A 103 13.22 -10.80 -11.80
C CYS A 103 12.41 -11.31 -12.98
N HIS A 104 11.83 -12.50 -12.83
CA HIS A 104 11.10 -13.14 -13.92
C HIS A 104 9.67 -13.41 -13.46
N ASP A 105 8.69 -13.00 -14.27
CA ASP A 105 7.29 -13.12 -13.86
C ASP A 105 6.66 -14.43 -14.31
N GLY A 106 7.44 -15.28 -14.94
CA GLY A 106 6.94 -16.54 -15.46
C GLY A 106 6.86 -16.54 -16.97
N LYS A 107 6.69 -15.36 -17.55
CA LYS A 107 6.63 -15.21 -19.00
C LYS A 107 7.89 -14.57 -19.56
N LYS A 108 8.34 -13.47 -18.93
CA LYS A 108 9.51 -12.73 -19.41
C LYS A 108 10.36 -12.20 -18.28
N TRP A 109 11.60 -11.83 -18.61
CA TRP A 109 12.49 -11.15 -17.66
C TRP A 109 12.14 -9.69 -17.54
N LEU A 110 12.11 -9.21 -16.29
CA LEU A 110 11.96 -7.79 -16.02
C LEU A 110 13.28 -7.26 -15.48
N ALA A 111 13.77 -6.16 -16.05
CA ALA A 111 14.98 -5.53 -15.54
C ALA A 111 14.74 -4.04 -15.34
N VAL A 112 15.17 -3.54 -14.18
CA VAL A 112 15.04 -2.13 -13.86
C VAL A 112 16.43 -1.56 -13.62
N GLY A 113 16.84 -0.63 -14.48
CA GLY A 113 18.18 -0.07 -14.38
C GLY A 113 18.17 1.44 -14.28
N ILE A 114 18.92 1.96 -13.31
CA ILE A 114 18.99 3.40 -13.08
C ILE A 114 20.29 3.98 -13.61
N SER A 115 20.18 5.06 -14.39
CA SER A 115 21.36 5.77 -14.85
C SER A 115 21.06 7.27 -14.86
N GLY A 116 22.00 8.06 -15.39
CA GLY A 116 21.84 9.51 -15.38
C GLY A 116 22.66 10.18 -14.29
N ALA A 117 22.53 11.50 -14.20
CA ALA A 117 23.25 12.28 -13.20
C ALA A 117 22.70 12.04 -11.79
N ASP A 118 23.53 12.26 -10.79
CA ASP A 118 23.10 12.08 -9.40
C ASP A 118 21.85 12.88 -9.06
N ASP A 119 21.73 14.08 -9.64
CA ASP A 119 20.63 14.97 -9.28
C ASP A 119 19.44 14.89 -10.24
N ASP A 120 19.49 13.96 -11.18
CA ASP A 120 18.39 13.78 -12.11
C ASP A 120 18.43 12.41 -12.76
N ALA A 121 18.57 11.38 -11.93
CA ALA A 121 18.65 10.01 -12.43
C ALA A 121 17.27 9.49 -12.80
N TYR A 122 17.23 8.41 -13.57
CA TYR A 122 15.95 7.76 -13.86
C TYR A 122 16.11 6.28 -14.11
N ALA A 123 15.08 5.52 -13.71
CA ALA A 123 15.05 4.09 -13.96
C ALA A 123 14.39 3.82 -15.29
N VAL A 124 15.00 2.94 -16.07
CA VAL A 124 14.37 2.43 -17.28
C VAL A 124 13.94 0.99 -17.02
N ILE A 125 12.67 0.71 -17.29
CA ILE A 125 12.15 -0.64 -17.08
C ILE A 125 12.17 -1.39 -18.40
N HIS A 126 12.81 -2.55 -18.40
CA HIS A 126 12.92 -3.40 -19.57
C HIS A 126 12.09 -4.65 -19.33
N TYR A 127 11.27 -5.02 -20.30
CA TYR A 127 10.46 -6.22 -20.17
C TYR A 127 10.60 -7.07 -21.42
N GLY A 128 11.09 -8.30 -21.26
CA GLY A 128 11.36 -9.16 -22.40
C GLY A 128 12.37 -8.54 -23.33
N GLY A 129 13.23 -7.69 -22.80
CA GLY A 129 14.29 -7.06 -23.57
C GLY A 129 13.88 -5.76 -24.23
N MET A 130 12.63 -5.36 -24.05
CA MET A 130 12.14 -4.12 -24.62
C MET A 130 11.89 -3.07 -23.55
N PRO A 131 12.23 -1.80 -23.85
CA PRO A 131 11.99 -0.72 -22.89
C PRO A 131 10.49 -0.43 -22.81
N THR A 132 9.94 -0.41 -21.60
CA THR A 132 8.49 -0.30 -21.43
C THR A 132 8.04 0.92 -20.64
N ASP A 133 8.82 1.32 -19.65
CA ASP A 133 8.43 2.42 -18.78
C ASP A 133 9.65 3.10 -18.16
N VAL A 134 9.41 4.23 -17.51
CA VAL A 134 10.47 5.00 -16.87
C VAL A 134 9.99 5.49 -15.51
N VAL A 135 10.90 5.48 -14.53
CA VAL A 135 10.61 6.08 -13.23
C VAL A 135 11.65 7.14 -12.93
N ARG A 136 11.21 8.39 -12.79
CA ARG A 136 12.13 9.49 -12.54
C ARG A 136 12.43 9.68 -11.06
N SER A 137 13.61 10.24 -10.78
CA SER A 137 13.98 10.62 -9.43
C SER A 137 12.97 11.64 -8.92
N TRP A 138 12.47 11.43 -7.70
CA TRP A 138 11.47 12.34 -7.13
C TRP A 138 12.06 13.24 -6.04
N ARG A 139 13.28 12.95 -5.62
CA ARG A 139 13.98 13.77 -4.63
C ARG A 139 15.29 14.32 -5.19
N LYS A 140 15.63 13.91 -6.42
CA LYS A 140 16.81 14.41 -7.10
C LYS A 140 18.10 14.19 -6.31
N GLN A 141 18.19 13.04 -5.65
CA GLN A 141 19.37 12.71 -4.86
C GLN A 141 19.73 11.23 -4.96
N ILE A 142 20.33 10.85 -6.08
CA ILE A 142 20.76 9.47 -6.32
C ILE A 142 19.63 8.46 -6.13
N LEU A 143 18.66 8.49 -7.03
CA LEU A 143 17.65 7.44 -7.10
C LEU A 143 18.38 6.10 -7.13
N ARG A 144 17.95 5.15 -6.31
CA ARG A 144 18.66 3.88 -6.19
C ARG A 144 17.74 2.74 -5.77
N THR A 145 18.12 1.51 -6.10
CA THR A 145 17.25 0.37 -5.83
C THR A 145 17.95 -0.81 -5.15
N GLN A 146 17.43 -2.02 -5.33
CA GLN A 146 17.78 -3.15 -4.46
C GLN A 146 19.18 -3.76 -4.63
N GLU A 147 19.68 -3.79 -5.87
CA GLU A 147 20.87 -4.57 -6.18
C GLU A 147 20.65 -6.04 -5.85
N SER A 148 19.40 -6.48 -5.96
CA SER A 148 19.08 -7.91 -5.86
C SER A 148 17.76 -8.17 -6.57
N SER A 149 17.31 -9.42 -6.56
N SER A 149 17.32 -9.42 -6.55
CA SER A 149 16.13 -9.81 -7.32
CA SER A 149 16.12 -9.81 -7.29
C SER A 149 14.87 -9.15 -6.78
C SER A 149 14.87 -9.11 -6.78
N CYS A 150 14.01 -8.69 -7.69
CA CYS A 150 12.69 -8.20 -7.30
C CYS A 150 11.79 -9.42 -7.10
N VAL A 151 10.52 -9.19 -6.78
CA VAL A 151 9.62 -10.29 -6.50
C VAL A 151 8.40 -10.22 -7.40
N CYS A 152 8.08 -11.34 -8.06
CA CYS A 152 6.91 -11.40 -8.92
C CYS A 152 5.88 -12.36 -8.36
N MET A 153 4.62 -11.94 -8.34
CA MET A 153 3.51 -12.80 -7.91
C MET A 153 2.29 -12.57 -8.80
N ASN A 154 1.75 -13.66 -9.34
CA ASN A 154 0.54 -13.58 -10.15
C ASN A 154 0.62 -12.57 -11.29
N GLY A 155 1.81 -12.40 -11.85
CA GLY A 155 1.98 -11.53 -13.00
C GLY A 155 2.33 -10.09 -12.66
N ASN A 156 2.41 -9.80 -11.36
CA ASN A 156 2.83 -8.48 -10.89
C ASN A 156 4.22 -8.56 -10.27
N CYS A 157 5.06 -7.58 -10.56
CA CYS A 157 6.41 -7.57 -10.01
C CYS A 157 6.60 -6.34 -9.12
N TYR A 158 7.31 -6.53 -8.01
CA TYR A 158 7.43 -5.51 -6.97
C TYR A 158 8.89 -5.23 -6.64
N TRP A 159 9.20 -3.97 -6.37
CA TRP A 159 10.54 -3.62 -5.91
C TRP A 159 10.55 -2.33 -5.11
N VAL A 160 11.64 -2.08 -4.41
CA VAL A 160 11.74 -0.93 -3.52
C VAL A 160 12.84 0.01 -4.02
N MET A 161 12.56 1.31 -4.01
CA MET A 161 13.57 2.30 -4.39
C MET A 161 13.71 3.37 -3.31
N THR A 162 14.87 4.02 -3.29
CA THR A 162 15.15 5.08 -2.35
C THR A 162 15.66 6.31 -3.08
N ASP A 163 15.39 7.48 -2.54
CA ASP A 163 15.85 8.72 -3.13
C ASP A 163 16.06 9.70 -1.99
N GLY A 164 17.24 10.34 -1.94
CA GLY A 164 17.56 11.24 -0.85
C GLY A 164 18.93 10.93 -0.25
N PRO A 165 19.25 11.63 0.85
CA PRO A 165 20.56 11.53 1.52
C PRO A 165 20.96 10.11 1.89
N ALA A 166 22.27 9.88 1.91
CA ALA A 166 22.83 8.58 2.30
C ALA A 166 22.91 8.45 3.82
N ASN A 167 23.05 9.58 4.51
CA ASN A 167 23.28 9.56 5.96
C ASN A 167 22.27 10.35 6.78
N SER A 168 21.07 10.53 6.24
CA SER A 168 19.98 11.15 7.00
C SER A 168 18.65 10.72 6.40
N GLN A 169 17.56 11.33 6.87
CA GLN A 169 16.23 10.94 6.42
C GLN A 169 16.11 11.01 4.91
N ALA A 170 15.71 9.90 4.30
CA ALA A 170 15.47 9.87 2.86
C ALA A 170 14.02 9.48 2.57
N SER A 171 13.73 9.21 1.30
CA SER A 171 12.38 8.84 0.88
C SER A 171 12.39 7.43 0.30
N TYR A 172 11.41 6.61 0.69
CA TYR A 172 11.40 5.20 0.32
C TYR A 172 10.05 4.86 -0.32
N LYS A 173 10.11 4.21 -1.49
CA LYS A 173 8.89 3.88 -2.22
C LYS A 173 8.86 2.43 -2.67
N ILE A 174 7.67 1.85 -2.63
CA ILE A 174 7.44 0.52 -3.17
C ILE A 174 6.76 0.66 -4.53
N PHE A 175 7.20 -0.14 -5.50
CA PHE A 175 6.62 -0.09 -6.83
C PHE A 175 5.97 -1.42 -7.22
N LYS A 176 4.89 -1.32 -7.99
CA LYS A 176 4.22 -2.49 -8.54
C LYS A 176 4.15 -2.35 -10.05
N SER A 177 4.45 -3.41 -10.78
CA SER A 177 4.42 -3.36 -12.23
C SER A 177 3.74 -4.58 -12.83
N HIS A 178 3.20 -4.41 -14.03
CA HIS A 178 2.63 -5.51 -14.79
C HIS A 178 3.10 -5.40 -16.22
N GLU A 179 3.79 -6.42 -16.71
CA GLU A 179 4.34 -6.43 -18.06
C GLU A 179 5.20 -5.20 -18.32
N GLY A 180 5.95 -4.78 -17.31
CA GLY A 180 6.92 -3.71 -17.48
C GLY A 180 6.35 -2.31 -17.30
N MET A 181 5.05 -2.21 -17.03
CA MET A 181 4.43 -0.92 -16.79
C MET A 181 4.15 -0.74 -15.30
N VAL A 182 4.56 0.39 -14.73
CA VAL A 182 4.25 0.68 -13.33
C VAL A 182 2.75 0.89 -13.20
N THR A 183 2.13 0.16 -12.27
CA THR A 183 0.68 0.22 -12.11
C THR A 183 0.28 0.73 -10.73
N ASN A 184 1.24 0.81 -9.83
CA ASN A 184 0.98 1.34 -8.49
C ASN A 184 2.30 1.70 -7.82
N GLU A 185 2.25 2.67 -6.91
CA GLU A 185 3.41 3.02 -6.10
C GLU A 185 2.92 3.50 -4.75
N ARG A 186 3.77 3.38 -3.75
CA ARG A 186 3.41 3.77 -2.39
C ARG A 186 4.65 4.27 -1.65
N GLU A 187 4.58 5.48 -1.10
CA GLU A 187 5.67 5.96 -0.26
C GLU A 187 5.53 5.38 1.15
N VAL A 188 6.65 4.88 1.66
CA VAL A 188 6.70 4.29 2.99
C VAL A 188 7.07 5.33 4.04
N SER A 189 6.23 5.47 5.06
CA SER A 189 6.51 6.39 6.16
C SER A 189 7.41 5.70 7.16
N PHE A 190 8.61 6.26 7.37
CA PHE A 190 9.62 5.62 8.21
C PHE A 190 10.50 6.69 8.83
N GLN A 191 9.89 7.55 9.65
CA GLN A 191 10.63 8.64 10.29
C GLN A 191 11.67 8.13 11.29
N GLY A 192 12.91 8.58 11.10
CA GLY A 192 14.01 8.14 11.94
C GLY A 192 14.62 6.84 11.41
N GLY A 193 14.01 6.28 10.37
CA GLY A 193 14.49 5.06 9.76
C GLY A 193 15.12 5.32 8.42
N HIS A 194 15.95 4.38 7.96
CA HIS A 194 16.64 4.51 6.69
C HIS A 194 16.61 3.17 5.99
N ILE A 195 16.23 3.18 4.72
CA ILE A 195 16.09 1.95 3.94
C ILE A 195 16.86 2.05 2.62
N GLU A 196 17.74 1.08 2.39
CA GLU A 196 18.45 0.96 1.13
C GLU A 196 18.65 -0.51 0.78
N GLU A 197 18.84 -0.78 -0.51
CA GLU A 197 19.29 -2.09 -0.96
C GLU A 197 18.53 -3.25 -0.34
N CYS A 198 17.21 -3.22 -0.44
CA CYS A 198 16.39 -4.27 0.15
C CYS A 198 16.60 -5.63 -0.49
N SER A 199 16.70 -6.66 0.35
CA SER A 199 16.68 -8.04 -0.10
C SER A 199 15.29 -8.59 0.17
N CYS A 200 14.54 -8.87 -0.90
CA CYS A 200 13.14 -9.25 -0.75
C CYS A 200 12.87 -10.63 -1.30
N TYR A 201 11.83 -11.27 -0.78
CA TYR A 201 11.43 -12.59 -1.24
C TYR A 201 9.95 -12.77 -0.97
N PRO A 202 9.29 -13.65 -1.74
CA PRO A 202 7.88 -13.93 -1.50
C PRO A 202 7.67 -14.90 -0.35
N ASN A 203 6.62 -14.68 0.43
CA ASN A 203 6.28 -15.58 1.53
C ASN A 203 4.77 -15.54 1.76
N LEU A 204 4.10 -16.58 1.30
CA LEU A 204 2.65 -16.71 1.48
C LEU A 204 1.88 -15.50 0.93
N GLY A 205 2.31 -15.01 -0.23
CA GLY A 205 1.57 -13.97 -0.93
C GLY A 205 1.94 -12.56 -0.52
N LYS A 206 2.85 -12.44 0.42
CA LYS A 206 3.37 -11.13 0.78
C LYS A 206 4.84 -11.02 0.38
N VAL A 207 5.31 -9.79 0.21
CA VAL A 207 6.73 -9.57 -0.02
C VAL A 207 7.37 -9.17 1.29
N GLU A 208 8.40 -9.92 1.69
CA GLU A 208 9.14 -9.61 2.90
C GLU A 208 10.55 -9.16 2.54
N CYS A 209 10.95 -8.00 3.07
CA CYS A 209 12.24 -7.41 2.74
C CYS A 209 13.09 -7.18 3.98
N VAL A 210 14.37 -7.48 3.86
CA VAL A 210 15.35 -7.14 4.89
C VAL A 210 16.35 -6.20 4.25
N CYS A 211 16.53 -5.01 4.83
CA CYS A 211 17.25 -3.95 4.15
C CYS A 211 18.49 -3.43 4.88
N ARG A 212 19.04 -2.35 4.36
CA ARG A 212 20.22 -1.72 4.94
C ARG A 212 19.85 -0.32 5.44
N ASP A 213 20.17 -0.04 6.70
CA ASP A 213 20.00 1.30 7.26
C ASP A 213 21.36 1.95 7.22
N ASN A 214 21.53 3.02 6.45
CA ASN A 214 22.83 3.65 6.30
C ASN A 214 22.95 4.91 7.17
N TRP A 215 22.06 5.00 8.15
CA TRP A 215 21.94 6.20 8.96
C TRP A 215 22.26 5.88 10.42
N ASN A 216 21.24 5.66 11.25
CA ASN A 216 21.45 5.44 12.67
C ASN A 216 21.28 3.99 13.15
N GLY A 217 21.09 3.05 12.24
CA GLY A 217 20.81 1.68 12.63
C GLY A 217 21.86 0.65 12.28
N MET A 218 22.30 -0.12 13.29
CA MET A 218 23.16 -1.26 13.03
C MET A 218 22.31 -2.52 12.99
N ASN A 219 21.03 -2.37 13.32
CA ASN A 219 20.03 -3.40 13.04
C ASN A 219 19.40 -3.15 11.67
N ARG A 220 18.85 -4.20 11.06
CA ARG A 220 18.31 -4.08 9.71
C ARG A 220 16.83 -3.76 9.68
N PRO A 221 16.44 -2.79 8.85
CA PRO A 221 15.01 -2.52 8.65
C PRO A 221 14.32 -3.73 8.03
N ILE A 222 13.07 -3.92 8.41
CA ILE A 222 12.22 -4.95 7.80
C ILE A 222 11.02 -4.26 7.18
N LEU A 223 10.71 -4.61 5.94
CA LEU A 223 9.57 -4.04 5.24
C LEU A 223 8.73 -5.19 4.68
N ILE A 224 7.44 -5.21 5.00
CA ILE A 224 6.55 -6.26 4.54
C ILE A 224 5.32 -5.65 3.88
N PHE A 225 5.00 -6.07 2.66
CA PHE A 225 3.85 -5.50 1.97
C PHE A 225 3.07 -6.50 1.13
N ASP A 226 1.83 -6.15 0.80
CA ASP A 226 0.98 -7.02 -0.01
C ASP A 226 0.74 -6.42 -1.39
N GLU A 227 -0.20 -7.00 -2.13
CA GLU A 227 -0.44 -6.59 -3.51
C GLU A 227 -0.96 -5.16 -3.63
N ASP A 228 -1.58 -4.68 -2.56
CA ASP A 228 -2.11 -3.31 -2.52
C ASP A 228 -1.02 -2.32 -2.14
N LEU A 229 0.15 -2.85 -1.84
CA LEU A 229 1.27 -2.04 -1.33
C LEU A 229 0.98 -1.52 0.07
N ASP A 230 0.00 -2.12 0.75
CA ASP A 230 -0.17 -1.91 2.18
C ASP A 230 1.04 -2.54 2.86
N TYR A 231 1.66 -1.83 3.80
CA TYR A 231 2.93 -2.27 4.32
C TYR A 231 3.02 -2.18 5.84
N GLU A 232 3.97 -2.94 6.39
CA GLU A 232 4.42 -2.78 7.76
C GLU A 232 5.91 -2.51 7.67
N VAL A 233 6.40 -1.55 8.44
CA VAL A 233 7.83 -1.24 8.44
C VAL A 233 8.37 -1.15 9.86
N GLY A 234 9.59 -1.60 10.05
CA GLY A 234 10.22 -1.62 11.36
C GLY A 234 11.64 -2.15 11.25
N TYR A 235 12.11 -2.78 12.32
CA TYR A 235 13.45 -3.37 12.34
C TYR A 235 13.40 -4.83 12.75
N LEU A 236 14.39 -5.60 12.29
CA LEU A 236 14.52 -6.99 12.72
C LEU A 236 14.66 -7.03 14.23
N CYS A 237 13.70 -7.70 14.89
CA CYS A 237 13.60 -7.69 16.35
C CYS A 237 14.82 -8.25 17.08
N ALA A 238 15.44 -9.26 16.48
CA ALA A 238 16.54 -9.98 17.12
C ALA A 238 17.51 -9.10 17.90
N GLY A 239 17.87 -9.54 19.09
CA GLY A 239 18.88 -8.88 19.90
C GLY A 239 20.28 -9.20 19.42
N ILE A 240 20.39 -9.52 18.13
CA ILE A 240 21.67 -9.76 17.49
C ILE A 240 21.75 -8.86 16.27
N PRO A 241 22.73 -7.93 16.26
CA PRO A 241 22.87 -7.00 15.12
C PRO A 241 23.50 -7.68 13.92
N THR A 242 23.01 -7.39 12.72
CA THR A 242 23.51 -8.08 11.53
C THR A 242 23.98 -7.16 10.40
N ASP A 243 24.04 -5.86 10.67
CA ASP A 243 24.63 -4.93 9.72
C ASP A 243 26.13 -4.89 9.96
N THR A 244 26.86 -4.21 9.07
CA THR A 244 28.27 -3.94 9.29
C THR A 244 28.52 -2.51 8.83
N PRO A 245 29.12 -1.67 9.68
CA PRO A 245 29.65 -2.01 11.00
C PRO A 245 28.58 -2.18 12.09
N ARG A 246 28.96 -2.84 13.18
CA ARG A 246 28.09 -3.05 14.32
C ARG A 246 28.97 -3.22 15.56
N VAL A 247 28.34 -3.48 16.70
CA VAL A 247 29.09 -3.78 17.92
C VAL A 247 28.98 -5.27 18.24
N GLN A 248 29.76 -5.73 19.22
CA GLN A 248 29.67 -7.11 19.67
C GLN A 248 28.27 -7.40 20.20
N ASP A 249 27.83 -8.64 20.04
CA ASP A 249 26.47 -9.04 20.42
C ASP A 249 26.13 -8.64 21.86
N SER A 250 27.07 -8.81 22.77
CA SER A 250 26.84 -8.53 24.18
C SER A 250 26.60 -7.05 24.45
N SER A 251 27.03 -6.19 23.54
CA SER A 251 26.88 -4.74 23.70
C SER A 251 25.61 -4.22 23.02
N PHE A 252 24.83 -5.13 22.47
CA PHE A 252 23.67 -4.75 21.68
C PHE A 252 22.36 -5.16 22.34
N THR A 253 21.37 -4.26 22.27
CA THR A 253 20.01 -4.55 22.72
C THR A 253 19.06 -4.32 21.55
N GLY A 254 18.30 -5.35 21.20
CA GLY A 254 17.44 -5.30 20.03
C GLY A 254 16.24 -4.37 20.15
N SER A 255 15.64 -4.07 19.01
CA SER A 255 14.42 -3.29 18.95
C SER A 255 13.65 -3.60 17.67
N CYS A 256 12.34 -3.78 17.79
CA CYS A 256 11.49 -4.06 16.64
C CYS A 256 11.04 -2.77 15.96
N THR A 257 11.23 -1.64 16.62
CA THR A 257 10.65 -0.39 16.17
C THR A 257 11.66 0.72 15.87
N ASN A 258 12.81 0.67 16.53
CA ASN A 258 13.77 1.77 16.45
C ASN A 258 15.14 1.37 15.93
N ALA A 259 15.78 2.29 15.22
CA ALA A 259 17.16 2.10 14.80
C ALA A 259 18.04 2.11 16.03
N VAL A 260 18.88 1.08 16.18
CA VAL A 260 19.82 1.00 17.28
C VAL A 260 21.23 1.19 16.73
N GLY A 261 21.90 2.25 17.14
CA GLY A 261 23.20 2.58 16.59
C GLY A 261 24.22 3.08 17.61
N GLY A 262 25.00 4.07 17.19
CA GLY A 262 26.05 4.62 18.03
C GLY A 262 27.30 3.78 18.04
N SER A 263 28.21 4.07 18.96
CA SER A 263 29.44 3.31 19.12
C SER A 263 30.24 3.20 17.81
N GLY A 264 30.18 4.25 17.00
CA GLY A 264 30.95 4.31 15.77
C GLY A 264 30.38 3.49 14.63
N THR A 265 29.11 3.11 14.73
CA THR A 265 28.50 2.29 13.69
C THR A 265 27.60 3.10 12.77
N ASN A 266 27.36 4.36 13.11
CA ASN A 266 26.47 5.22 12.32
C ASN A 266 27.01 5.56 10.94
N ASN A 267 26.10 5.86 10.02
CA ASN A 267 26.45 6.41 8.71
C ASN A 267 27.12 5.46 7.74
N TYR A 268 27.01 4.15 8.00
CA TYR A 268 27.44 3.17 7.01
C TYR A 268 26.62 1.91 7.15
N GLY A 269 26.96 0.90 6.37
CA GLY A 269 26.23 -0.36 6.40
C GLY A 269 26.65 -1.21 5.23
N VAL A 270 26.00 -2.35 5.08
CA VAL A 270 26.25 -3.23 3.94
C VAL A 270 24.94 -3.92 3.57
N LYS A 271 24.72 -4.16 2.28
CA LYS A 271 23.53 -4.89 1.87
C LYS A 271 23.59 -6.28 2.46
N GLY A 272 22.47 -6.73 3.03
CA GLY A 272 22.38 -8.04 3.64
C GLY A 272 20.98 -8.62 3.51
N PHE A 273 20.74 -9.77 4.13
CA PHE A 273 19.47 -10.46 3.96
C PHE A 273 19.04 -11.19 5.22
N GLY A 274 17.79 -11.63 5.22
CA GLY A 274 17.26 -12.51 6.25
C GLY A 274 16.03 -13.20 5.72
N PHE A 275 15.74 -14.38 6.27
CA PHE A 275 14.54 -15.13 5.88
C PHE A 275 13.72 -15.43 7.12
N ARG A 276 12.46 -15.00 7.12
CA ARG A 276 11.55 -15.39 8.19
C ARG A 276 11.36 -16.90 8.17
N GLN A 277 11.37 -17.50 9.36
CA GLN A 277 11.09 -18.92 9.51
C GLN A 277 10.05 -19.08 10.62
N GLY A 278 8.79 -18.83 10.28
CA GLY A 278 7.76 -18.75 11.30
C GLY A 278 8.00 -17.52 12.15
N ASN A 279 8.36 -17.73 13.41
CA ASN A 279 8.70 -16.63 14.30
C ASN A 279 10.20 -16.40 14.38
N SER A 280 10.97 -17.35 13.86
CA SER A 280 12.43 -17.25 13.89
C SER A 280 12.94 -16.60 12.60
N VAL A 281 14.25 -16.50 12.47
CA VAL A 281 14.84 -15.88 11.29
C VAL A 281 16.23 -16.42 11.00
N TRP A 282 16.51 -16.71 9.73
CA TRP A 282 17.86 -16.94 9.25
C TRP A 282 18.41 -15.59 8.82
N ALA A 283 19.53 -15.17 9.41
CA ALA A 283 20.12 -13.88 9.04
C ALA A 283 21.60 -14.01 8.74
N GLY A 284 22.04 -13.38 7.65
CA GLY A 284 23.45 -13.40 7.30
C GLY A 284 24.17 -12.21 7.89
N ARG A 285 25.48 -12.32 8.08
CA ARG A 285 26.28 -11.19 8.48
C ARG A 285 27.76 -11.46 8.28
N THR A 286 28.54 -10.39 8.13
CA THR A 286 29.99 -10.53 8.05
C THR A 286 30.48 -11.05 9.39
N VAL A 287 31.61 -11.75 9.40
CA VAL A 287 32.18 -12.23 10.66
C VAL A 287 32.76 -11.06 11.45
N SER A 288 33.51 -10.20 10.75
CA SER A 288 34.02 -8.98 11.37
C SER A 288 32.87 -8.04 11.71
N ILE A 289 33.00 -7.32 12.82
CA ILE A 289 31.98 -6.34 13.18
C ILE A 289 32.26 -4.97 12.57
N SER A 290 33.45 -4.80 12.00
CA SER A 290 33.87 -3.50 11.52
C SER A 290 34.08 -3.41 10.01
N SER A 291 34.47 -4.52 9.39
CA SER A 291 34.73 -4.52 7.95
C SER A 291 34.01 -5.65 7.24
N ARG A 292 34.01 -5.58 5.91
CA ARG A 292 33.36 -6.60 5.09
C ARG A 292 34.31 -7.79 4.95
N SER A 293 34.39 -8.57 6.03
CA SER A 293 35.32 -9.67 6.13
C SER A 293 34.59 -10.88 6.71
N GLY A 294 34.71 -12.03 6.04
CA GLY A 294 34.06 -13.26 6.48
C GLY A 294 32.57 -13.24 6.24
N PHE A 295 31.94 -14.40 6.35
CA PHE A 295 30.48 -14.45 6.27
C PHE A 295 29.91 -15.68 6.96
N GLU A 296 28.85 -15.45 7.73
CA GLU A 296 28.19 -16.53 8.45
C GLU A 296 26.68 -16.32 8.38
N ILE A 297 25.93 -17.39 8.59
CA ILE A 297 24.47 -17.27 8.66
C ILE A 297 23.99 -17.83 9.99
N LEU A 298 23.08 -17.10 10.64
CA LEU A 298 22.60 -17.48 11.97
C LEU A 298 21.10 -17.74 11.95
N LEU A 299 20.69 -18.81 12.61
CA LEU A 299 19.27 -19.04 12.87
C LEU A 299 18.95 -18.57 14.28
N ILE A 300 18.18 -17.50 14.38
CA ILE A 300 17.85 -16.90 15.66
C ILE A 300 16.42 -17.25 16.08
N GLU A 301 16.31 -17.95 17.21
CA GLU A 301 15.01 -18.39 17.72
C GLU A 301 14.10 -17.22 18.06
N ASP A 302 12.92 -17.18 17.42
CA ASP A 302 11.95 -16.11 17.63
C ASP A 302 12.50 -14.73 17.28
N GLY A 303 13.57 -14.69 16.49
CA GLY A 303 14.23 -13.44 16.16
C GLY A 303 13.44 -12.50 15.27
N TRP A 304 12.35 -12.99 14.68
CA TRP A 304 11.51 -12.16 13.84
C TRP A 304 10.50 -11.38 14.66
N ILE A 305 10.15 -11.89 15.85
CA ILE A 305 9.07 -11.31 16.63
C ILE A 305 9.49 -10.73 17.99
N ARG A 306 10.68 -11.09 18.47
CA ARG A 306 11.16 -10.54 19.73
C ARG A 306 12.68 -10.38 19.76
N THR A 307 13.17 -9.63 20.75
CA THR A 307 14.57 -9.26 20.83
C THR A 307 15.45 -10.41 21.36
N SER A 308 15.27 -11.59 20.77
CA SER A 308 15.97 -12.79 21.20
C SER A 308 17.47 -12.76 20.89
N LYS A 309 18.25 -13.37 21.77
CA LYS A 309 19.69 -13.52 21.55
C LYS A 309 20.04 -14.99 21.40
N THR A 310 19.02 -15.84 21.28
CA THR A 310 19.22 -17.27 21.20
C THR A 310 19.57 -17.70 19.78
N ILE A 311 20.83 -18.14 19.60
CA ILE A 311 21.27 -18.62 18.30
C ILE A 311 21.18 -20.15 18.26
N VAL A 312 20.25 -20.64 17.45
CA VAL A 312 20.01 -22.08 17.35
C VAL A 312 21.04 -22.77 16.47
N LYS A 313 21.39 -22.13 15.36
CA LYS A 313 22.41 -22.64 14.46
C LYS A 313 23.28 -21.50 13.94
N LYS A 314 24.54 -21.81 13.66
CA LYS A 314 25.45 -20.88 13.01
C LYS A 314 26.27 -21.65 11.99
N VAL A 315 26.32 -21.13 10.77
CA VAL A 315 27.12 -21.76 9.71
C VAL A 315 28.00 -20.72 9.05
N GLU A 316 29.30 -21.00 8.98
CA GLU A 316 30.23 -20.10 8.32
C GLU A 316 30.52 -20.59 6.91
N VAL A 317 30.40 -19.70 5.93
CA VAL A 317 30.65 -20.05 4.53
C VAL A 317 31.86 -19.30 3.98
N LEU A 318 32.42 -18.41 4.79
CA LEU A 318 33.63 -17.66 4.45
C LEU A 318 34.32 -17.24 5.74
N ASN A 319 35.55 -17.69 5.94
CA ASN A 319 36.25 -17.36 7.18
C ASN A 319 36.68 -15.89 7.22
N ASN A 320 37.04 -15.43 8.43
CA ASN A 320 37.32 -14.02 8.64
C ASN A 320 38.67 -13.57 8.08
N LYS A 321 39.37 -14.49 7.41
CA LYS A 321 40.65 -14.15 6.77
C LYS A 321 40.44 -13.75 5.32
N ASN A 322 39.17 -13.69 4.90
CA ASN A 322 38.83 -13.40 3.51
C ASN A 322 37.76 -12.32 3.38
N TRP A 323 37.84 -11.56 2.29
CA TRP A 323 36.95 -10.43 2.08
C TRP A 323 35.58 -10.86 1.59
N SER A 324 34.53 -10.30 2.19
CA SER A 324 33.18 -10.53 1.71
C SER A 324 32.62 -9.27 1.07
N GLY A 325 31.38 -8.93 1.40
CA GLY A 325 30.70 -7.81 0.74
C GLY A 325 29.20 -7.92 0.86
N TYR A 326 28.50 -7.49 -0.18
CA TYR A 326 27.05 -7.57 -0.21
C TYR A 326 26.56 -9.02 -0.14
N SER A 327 25.33 -9.20 0.32
CA SER A 327 24.66 -10.49 0.23
C SER A 327 23.18 -10.22 0.00
N GLY A 328 22.49 -11.17 -0.62
CA GLY A 328 21.10 -10.97 -0.97
C GLY A 328 20.28 -12.24 -1.08
N ALA A 329 18.97 -12.08 -1.10
CA ALA A 329 18.05 -13.21 -1.10
C ALA A 329 17.35 -13.37 -2.44
N PHE A 330 17.04 -14.62 -2.76
CA PHE A 330 16.13 -14.94 -3.85
C PHE A 330 15.46 -16.27 -3.53
N THR A 331 14.46 -16.65 -4.32
CA THR A 331 13.79 -17.94 -4.11
C THR A 331 13.75 -18.73 -5.40
N ILE A 332 13.61 -20.05 -5.27
CA ILE A 332 13.42 -20.91 -6.41
C ILE A 332 11.94 -21.26 -6.53
N PRO A 333 11.34 -20.96 -7.70
CA PRO A 333 9.90 -21.18 -7.90
C PRO A 333 9.54 -22.67 -7.95
N ILE A 334 8.25 -22.95 -7.81
CA ILE A 334 7.75 -24.32 -7.78
C ILE A 334 7.96 -25.06 -9.10
N THR A 335 8.03 -24.31 -10.19
CA THR A 335 8.14 -24.91 -11.52
C THR A 335 9.47 -25.63 -11.74
N MET A 336 10.41 -25.42 -10.82
CA MET A 336 11.73 -26.02 -10.96
C MET A 336 11.96 -27.13 -9.92
N THR A 337 11.26 -27.02 -8.80
CA THR A 337 11.48 -27.94 -7.68
C THR A 337 10.33 -28.92 -7.51
N SER A 338 9.18 -28.59 -8.09
CA SER A 338 7.97 -29.39 -7.94
C SER A 338 7.56 -29.52 -6.47
N LYS A 339 7.98 -28.58 -5.64
CA LYS A 339 7.64 -28.60 -4.22
C LYS A 339 6.36 -27.82 -3.94
N GLN A 340 5.96 -27.79 -2.67
CA GLN A 340 4.76 -27.06 -2.29
C GLN A 340 5.11 -25.77 -1.57
N CYS A 341 6.41 -25.48 -1.49
CA CYS A 341 6.88 -24.25 -0.87
C CYS A 341 8.05 -23.65 -1.64
N LEU A 342 8.33 -22.38 -1.39
CA LEU A 342 9.39 -21.67 -2.09
C LEU A 342 10.72 -21.85 -1.36
N VAL A 343 11.76 -22.22 -2.11
CA VAL A 343 13.06 -22.48 -1.52
C VAL A 343 13.88 -21.20 -1.38
N PRO A 344 14.28 -20.87 -0.15
CA PRO A 344 15.11 -19.67 0.09
C PRO A 344 16.57 -19.91 -0.25
N CYS A 345 17.15 -18.99 -1.01
CA CYS A 345 18.56 -19.04 -1.36
C CYS A 345 19.19 -17.68 -1.13
N PHE A 346 20.51 -17.65 -0.94
CA PHE A 346 21.20 -16.38 -0.89
C PHE A 346 22.50 -16.42 -1.70
N TRP A 347 22.97 -15.25 -2.08
CA TRP A 347 24.27 -15.14 -2.73
C TRP A 347 25.16 -14.25 -1.86
N LEU A 348 26.47 -14.42 -2.03
CA LEU A 348 27.43 -13.65 -1.28
C LEU A 348 28.42 -13.03 -2.26
N GLU A 349 28.64 -11.72 -2.12
CA GLU A 349 29.62 -11.02 -2.94
C GLU A 349 30.95 -10.96 -2.20
N MET A 350 32.04 -11.30 -2.89
CA MET A 350 33.36 -11.21 -2.30
C MET A 350 34.21 -10.17 -3.06
N ILE A 351 34.41 -9.02 -2.42
CA ILE A 351 35.06 -7.88 -3.06
C ILE A 351 36.58 -7.95 -2.98
N ARG A 352 37.25 -7.74 -4.11
CA ARG A 352 38.70 -7.67 -4.13
C ARG A 352 39.16 -6.31 -4.67
N GLY A 353 40.33 -5.87 -4.23
CA GLY A 353 40.84 -4.57 -4.65
C GLY A 353 40.55 -3.46 -3.67
N LYS A 354 40.39 -2.24 -4.16
CA LYS A 354 40.13 -1.10 -3.30
C LYS A 354 38.77 -1.24 -2.61
N PRO A 355 38.65 -0.69 -1.38
CA PRO A 355 39.69 0.05 -0.68
C PRO A 355 40.55 -0.80 0.26
N GLU A 356 40.18 -2.05 0.48
CA GLU A 356 40.89 -2.88 1.47
C GLU A 356 42.26 -3.34 0.97
N GLU A 357 42.40 -3.49 -0.33
CA GLU A 357 43.68 -3.89 -0.92
C GLU A 357 44.22 -2.75 -1.78
N ARG A 358 44.96 -1.86 -1.13
CA ARG A 358 45.33 -0.57 -1.71
C ARG A 358 46.33 -0.65 -2.87
N THR A 359 47.03 -1.79 -2.97
CA THR A 359 48.04 -1.94 -4.02
C THR A 359 47.43 -2.28 -5.37
N SER A 360 46.11 -2.41 -5.42
CA SER A 360 45.41 -2.60 -6.69
C SER A 360 44.69 -1.34 -7.12
N ILE A 361 44.67 -1.09 -8.43
CA ILE A 361 44.08 0.13 -8.97
C ILE A 361 42.58 -0.05 -9.18
N TRP A 362 42.11 -1.29 -9.05
CA TRP A 362 40.74 -1.63 -9.42
C TRP A 362 39.95 -2.25 -8.26
N THR A 363 38.65 -2.39 -8.47
CA THR A 363 37.77 -3.08 -7.53
C THR A 363 36.82 -3.95 -8.34
N SER A 364 36.73 -5.23 -7.97
CA SER A 364 35.73 -6.11 -8.55
C SER A 364 35.26 -7.10 -7.49
N SER A 365 34.37 -8.00 -7.87
CA SER A 365 33.93 -9.02 -6.94
C SER A 365 33.57 -10.31 -7.65
N SER A 366 33.57 -11.41 -6.91
CA SER A 366 33.05 -12.66 -7.41
C SER A 366 31.98 -13.12 -6.42
N SER A 367 31.36 -14.26 -6.68
CA SER A 367 30.25 -14.65 -5.83
C SER A 367 30.19 -16.14 -5.53
N THR A 368 29.51 -16.47 -4.43
CA THR A 368 29.09 -17.83 -4.16
C THR A 368 27.58 -17.78 -3.90
N VAL A 369 26.91 -18.91 -4.11
CA VAL A 369 25.46 -18.97 -3.99
C VAL A 369 25.09 -20.19 -3.19
N PHE A 370 24.12 -20.04 -2.30
CA PHE A 370 23.71 -21.12 -1.41
C PHE A 370 22.19 -21.24 -1.36
N CYS A 371 21.70 -22.47 -1.26
CA CYS A 371 20.26 -22.66 -1.15
C CYS A 371 19.87 -23.48 0.08
N GLY A 372 18.72 -23.16 0.66
CA GLY A 372 18.26 -23.85 1.85
C GLY A 372 17.82 -25.28 1.59
N VAL A 373 18.12 -26.17 2.53
CA VAL A 373 17.70 -27.55 2.46
C VAL A 373 17.11 -28.00 3.80
N SER A 374 16.43 -29.14 3.81
CA SER A 374 15.67 -29.57 4.97
C SER A 374 16.52 -30.13 6.12
N SER A 375 17.82 -30.28 5.87
CA SER A 375 18.71 -30.82 6.90
C SER A 375 19.93 -29.93 7.12
N GLU A 376 20.64 -30.17 8.23
CA GLU A 376 21.83 -29.39 8.54
C GLU A 376 22.94 -29.67 7.54
N VAL A 377 23.69 -28.63 7.20
CA VAL A 377 24.77 -28.74 6.23
C VAL A 377 26.01 -28.07 6.81
N PRO A 378 27.16 -28.76 6.75
CA PRO A 378 28.41 -28.19 7.28
C PRO A 378 28.81 -26.94 6.51
N GLY A 379 29.58 -26.07 7.14
CA GLY A 379 30.12 -24.92 6.45
C GLY A 379 31.53 -25.21 5.98
N TRP A 380 32.13 -24.23 5.31
CA TRP A 380 33.53 -24.29 4.92
C TRP A 380 33.91 -22.85 4.64
N SER A 381 34.97 -22.63 3.87
CA SER A 381 35.31 -21.29 3.44
C SER A 381 35.58 -21.30 1.94
N TRP A 382 34.61 -20.84 1.17
CA TRP A 382 34.76 -20.74 -0.28
C TRP A 382 35.11 -19.30 -0.65
N ASP A 383 36.39 -18.96 -0.57
CA ASP A 383 36.86 -17.60 -0.79
C ASP A 383 37.01 -17.27 -2.28
N ASP A 384 37.14 -15.99 -2.59
CA ASP A 384 37.31 -15.56 -3.97
C ASP A 384 38.48 -16.30 -4.62
N GLY A 385 39.63 -16.32 -3.95
CA GLY A 385 40.75 -17.12 -4.38
C GLY A 385 41.73 -16.47 -5.33
N ALA A 386 41.47 -15.23 -5.73
CA ALA A 386 42.39 -14.53 -6.62
C ALA A 386 43.67 -14.11 -5.89
N ILE A 387 44.78 -14.15 -6.60
CA ILE A 387 46.06 -13.73 -6.05
C ILE A 387 46.40 -12.33 -6.56
N LEU A 388 46.34 -11.35 -5.65
CA LEU A 388 46.65 -9.96 -5.99
C LEU A 388 48.05 -9.60 -5.50
N PRO A 389 48.67 -8.58 -6.12
CA PRO A 389 48.12 -7.73 -7.19
C PRO A 389 48.12 -8.42 -8.55
N PHE A 390 47.38 -7.85 -9.50
CA PHE A 390 47.35 -8.35 -10.87
C PHE A 390 48.40 -7.65 -11.73
N ASP A 391 48.58 -8.13 -12.95
CA ASP A 391 49.54 -7.55 -13.89
C ASP A 391 49.35 -6.04 -14.05
N ILE A 392 48.10 -5.61 -14.21
CA ILE A 392 47.79 -4.21 -14.48
C ILE A 392 48.20 -3.31 -13.30
N ASP A 393 48.32 -3.91 -12.11
CA ASP A 393 48.68 -3.17 -10.92
C ASP A 393 50.17 -2.88 -10.86
N LYS A 394 50.93 -3.50 -11.76
CA LYS A 394 52.38 -3.38 -11.77
C LYS A 394 52.88 -2.74 -13.05
N PRO B 1 -46.09 1.03 16.14
CA PRO B 1 -44.94 1.16 15.24
C PRO B 1 -45.05 0.21 14.06
N GLU B 2 -44.98 0.75 12.84
CA GLU B 2 -45.04 -0.07 11.63
C GLU B 2 -43.77 0.09 10.81
N PHE B 3 -43.52 -0.85 9.91
CA PHE B 3 -42.39 -0.73 9.00
C PHE B 3 -42.63 0.41 8.03
N LEU B 4 -41.57 1.13 7.68
CA LEU B 4 -41.65 2.18 6.67
C LEU B 4 -41.74 1.55 5.29
N ASN B 5 -42.71 1.99 4.49
CA ASN B 5 -42.78 1.57 3.10
C ASN B 5 -41.52 1.99 2.35
N ASN B 6 -41.29 3.29 2.28
CA ASN B 6 -40.14 3.83 1.58
C ASN B 6 -40.09 3.42 0.12
N THR B 7 -41.26 3.26 -0.49
CA THR B 7 -41.33 2.87 -1.89
C THR B 7 -41.75 4.04 -2.79
N GLU B 8 -41.82 5.23 -2.21
CA GLU B 8 -42.20 6.42 -2.95
C GLU B 8 -41.09 6.84 -3.91
N PRO B 9 -41.44 7.66 -4.91
CA PRO B 9 -40.40 8.21 -5.78
C PRO B 9 -39.55 9.23 -5.04
N LEU B 10 -38.29 9.38 -5.44
CA LEU B 10 -37.43 10.42 -4.90
C LEU B 10 -37.93 11.77 -5.42
N CYS B 11 -37.93 12.78 -4.56
CA CYS B 11 -38.35 14.11 -4.96
C CYS B 11 -37.40 14.70 -6.00
N ASN B 12 -37.95 15.46 -6.94
CA ASN B 12 -37.15 16.29 -7.82
C ASN B 12 -36.88 17.61 -7.10
N VAL B 13 -35.60 17.97 -6.97
CA VAL B 13 -35.23 19.18 -6.25
C VAL B 13 -34.41 20.12 -7.11
N SER B 14 -34.51 21.42 -6.83
CA SER B 14 -33.82 22.43 -7.63
C SER B 14 -32.68 23.09 -6.86
N GLY B 15 -32.54 22.73 -5.59
CA GLY B 15 -31.48 23.29 -4.77
C GLY B 15 -31.32 22.54 -3.46
N PHE B 16 -30.26 22.86 -2.73
CA PHE B 16 -30.00 22.21 -1.45
C PHE B 16 -29.75 23.25 -0.36
N ALA B 17 -30.49 23.14 0.72
CA ALA B 17 -30.39 24.11 1.82
C ALA B 17 -29.64 23.48 2.98
N ILE B 18 -28.82 24.27 3.68
CA ILE B 18 -28.09 23.73 4.81
C ILE B 18 -29.01 23.42 5.97
N VAL B 19 -28.83 22.24 6.55
CA VAL B 19 -29.70 21.76 7.61
C VAL B 19 -28.98 21.72 8.95
N SER B 20 -27.69 21.37 8.92
CA SER B 20 -26.91 21.35 10.16
C SER B 20 -25.42 21.49 9.94
N LYS B 21 -24.73 21.86 11.01
CA LYS B 21 -23.28 21.93 11.06
C LYS B 21 -22.88 21.69 12.51
N ASP B 22 -22.04 20.68 12.75
CA ASP B 22 -21.76 20.27 14.13
C ASP B 22 -20.60 21.01 14.81
N ASN B 23 -19.72 21.61 14.02
CA ASN B 23 -18.59 22.36 14.56
C ASN B 23 -17.79 21.55 15.57
N GLY B 24 -17.75 20.24 15.38
CA GLY B 24 -17.16 19.34 16.35
C GLY B 24 -15.71 19.61 16.70
N ILE B 25 -14.91 19.96 15.70
CA ILE B 25 -13.48 20.14 15.95
C ILE B 25 -13.20 21.46 16.66
N ARG B 26 -13.90 22.52 16.26
CA ARG B 26 -13.83 23.79 16.99
C ARG B 26 -14.20 23.59 18.45
N ILE B 27 -15.28 22.86 18.70
CA ILE B 27 -15.75 22.64 20.05
C ILE B 27 -14.75 21.76 20.82
N GLY B 28 -14.16 20.80 20.13
CA GLY B 28 -13.25 19.84 20.73
C GLY B 28 -11.89 20.41 21.09
N SER B 29 -11.64 21.66 20.73
CA SER B 29 -10.44 22.34 21.16
C SER B 29 -10.43 22.46 22.67
N ARG B 30 -11.61 22.55 23.26
CA ARG B 30 -11.74 22.65 24.72
C ARG B 30 -12.69 21.60 25.28
N GLY B 31 -13.78 21.33 24.56
CA GLY B 31 -14.75 20.36 24.99
C GLY B 31 -14.29 18.93 24.81
N HIS B 32 -15.07 17.99 25.32
CA HIS B 32 -14.70 16.58 25.24
C HIS B 32 -15.43 15.93 24.08
N VAL B 33 -14.72 15.86 22.95
CA VAL B 33 -15.29 15.44 21.68
C VAL B 33 -14.43 14.33 21.10
N PHE B 34 -15.07 13.25 20.64
CA PHE B 34 -14.35 12.14 20.03
C PHE B 34 -13.58 12.57 18.79
N VAL B 35 -12.38 12.00 18.65
CA VAL B 35 -11.73 11.98 17.34
C VAL B 35 -12.55 11.01 16.49
N ILE B 36 -12.96 11.44 15.31
CA ILE B 36 -13.79 10.62 14.45
C ILE B 36 -13.34 10.68 13.00
N ARG B 37 -13.93 9.82 12.18
CA ARG B 37 -14.00 10.04 10.75
C ARG B 37 -15.18 9.26 10.21
N GLU B 38 -15.43 9.36 8.91
CA GLU B 38 -16.55 8.66 8.29
C GLU B 38 -17.88 8.91 9.01
N PRO B 39 -18.26 10.19 9.16
CA PRO B 39 -19.59 10.45 9.72
C PRO B 39 -20.62 10.19 8.65
N PHE B 40 -21.86 9.92 9.05
CA PHE B 40 -22.96 9.89 8.10
C PHE B 40 -24.27 10.13 8.82
N VAL B 41 -25.33 10.42 8.06
CA VAL B 41 -26.62 10.69 8.64
C VAL B 41 -27.61 9.63 8.21
N ALA B 42 -28.49 9.22 9.13
CA ALA B 42 -29.59 8.34 8.79
C ALA B 42 -30.83 8.82 9.53
N CYS B 43 -31.99 8.67 8.92
CA CYS B 43 -33.22 9.17 9.52
C CYS B 43 -34.17 8.07 9.97
N GLY B 44 -34.76 8.27 11.15
CA GLY B 44 -35.80 7.39 11.65
C GLY B 44 -37.15 8.04 11.43
N PRO B 45 -38.21 7.45 12.01
CA PRO B 45 -39.57 7.96 11.83
C PRO B 45 -39.78 9.31 12.50
N THR B 46 -38.94 9.65 13.48
CA THR B 46 -39.16 10.85 14.28
C THR B 46 -37.97 11.80 14.30
N GLU B 47 -36.78 11.29 13.98
CA GLU B 47 -35.58 12.13 14.02
C GLU B 47 -34.47 11.60 13.12
N CYS B 48 -33.55 12.48 12.76
CA CYS B 48 -32.33 12.07 12.08
C CYS B 48 -31.18 12.08 13.07
N ARG B 49 -30.24 11.16 12.89
CA ARG B 49 -29.08 11.08 13.76
C ARG B 49 -27.79 11.09 12.96
N THR B 50 -26.75 11.63 13.54
CA THR B 50 -25.42 11.57 12.94
C THR B 50 -24.65 10.41 13.53
N PHE B 51 -24.24 9.48 12.67
CA PHE B 51 -23.41 8.36 13.06
C PHE B 51 -21.97 8.69 12.73
N PHE B 52 -21.03 8.04 13.41
CA PHE B 52 -19.62 8.29 13.15
C PHE B 52 -18.78 7.15 13.70
N LEU B 53 -17.59 6.98 13.14
CA LEU B 53 -16.64 6.01 13.65
C LEU B 53 -15.60 6.73 14.51
N THR B 54 -15.65 6.49 15.82
CA THR B 54 -14.67 7.11 16.70
C THR B 54 -13.32 6.41 16.56
N GLN B 55 -12.30 7.01 17.16
CA GLN B 55 -11.00 6.37 17.30
C GLN B 55 -10.80 5.95 18.75
N GLY B 56 -11.88 5.95 19.52
CA GLY B 56 -11.81 5.56 20.92
C GLY B 56 -10.92 6.51 21.72
N ALA B 57 -10.88 7.77 21.29
CA ALA B 57 -10.04 8.77 21.94
C ALA B 57 -10.66 10.14 21.72
N LEU B 58 -10.29 11.11 22.57
CA LEU B 58 -10.82 12.46 22.45
C LEU B 58 -9.82 13.41 21.80
N LEU B 59 -10.34 14.45 21.17
CA LEU B 59 -9.51 15.52 20.60
C LEU B 59 -8.65 16.17 21.67
N ASN B 60 -7.44 16.56 21.29
CA ASN B 60 -6.51 17.26 22.17
C ASN B 60 -5.99 16.39 23.32
N ASP B 61 -6.12 15.08 23.16
CA ASP B 61 -5.55 14.12 24.10
C ASP B 61 -4.47 13.29 23.41
N LYS B 62 -3.54 12.75 24.20
CA LYS B 62 -2.43 11.99 23.63
C LYS B 62 -2.88 10.74 22.88
N HIS B 63 -4.06 10.22 23.22
CA HIS B 63 -4.58 9.03 22.55
C HIS B 63 -5.07 9.33 21.13
N SER B 64 -5.09 10.60 20.76
CA SER B 64 -5.44 10.99 19.40
C SER B 64 -4.23 10.87 18.46
N ASN B 65 -3.08 10.54 19.02
CA ASN B 65 -1.88 10.33 18.23
C ASN B 65 -2.08 9.21 17.21
N ASN B 66 -1.61 9.43 15.98
CA ASN B 66 -1.65 8.41 14.94
C ASN B 66 -3.05 7.98 14.54
N THR B 67 -4.02 8.89 14.63
CA THR B 67 -5.40 8.57 14.27
C THR B 67 -5.66 8.68 12.77
N VAL B 68 -4.60 8.88 12.00
CA VAL B 68 -4.72 8.83 10.54
C VAL B 68 -4.93 7.37 10.13
N LYS B 69 -4.56 6.45 11.02
CA LYS B 69 -4.76 5.02 10.81
C LYS B 69 -6.25 4.68 10.75
N ASP B 70 -6.64 3.86 9.77
CA ASP B 70 -8.05 3.60 9.48
C ASP B 70 -8.69 2.54 10.37
N ARG B 71 -7.91 1.54 10.79
CA ARG B 71 -8.49 0.42 11.52
C ARG B 71 -7.75 0.12 12.81
N SER B 72 -8.51 -0.09 13.88
CA SER B 72 -7.95 -0.47 15.17
C SER B 72 -9.03 -1.13 16.01
N PRO B 73 -8.64 -1.75 17.13
CA PRO B 73 -9.64 -2.39 17.99
C PRO B 73 -10.42 -1.36 18.80
N TYR B 74 -10.02 -0.09 18.73
CA TYR B 74 -10.63 0.94 19.57
C TYR B 74 -11.72 1.74 18.87
N ARG B 75 -11.89 1.52 17.57
CA ARG B 75 -12.91 2.26 16.82
C ARG B 75 -14.30 1.71 17.09
N ALA B 76 -15.26 2.61 17.24
CA ALA B 76 -16.64 2.21 17.48
C ALA B 76 -17.60 3.07 16.69
N LEU B 77 -18.71 2.48 16.26
CA LEU B 77 -19.80 3.24 15.68
C LEU B 77 -20.65 3.79 16.81
N MET B 78 -20.86 5.11 16.80
CA MET B 78 -21.72 5.76 17.79
C MET B 78 -22.59 6.77 17.06
N SER B 79 -23.60 7.31 17.76
CA SER B 79 -24.46 8.31 17.15
C SER B 79 -24.85 9.43 18.12
N VAL B 80 -25.18 10.59 17.57
CA VAL B 80 -25.75 11.70 18.32
C VAL B 80 -26.90 12.30 17.52
N PRO B 81 -27.74 13.12 18.17
CA PRO B 81 -28.79 13.82 17.43
C PRO B 81 -28.17 14.70 16.34
N LEU B 82 -28.88 14.87 15.23
CA LEU B 82 -28.38 15.65 14.11
C LEU B 82 -27.96 17.05 14.55
N GLY B 83 -26.73 17.44 14.24
CA GLY B 83 -26.23 18.76 14.57
C GLY B 83 -25.39 18.82 15.83
N SER B 84 -25.43 17.78 16.64
CA SER B 84 -24.61 17.75 17.86
C SER B 84 -23.19 17.37 17.52
N SER B 85 -22.24 17.88 18.30
CA SER B 85 -20.86 17.42 18.17
C SER B 85 -20.83 15.96 18.59
N PRO B 86 -19.86 15.20 18.07
CA PRO B 86 -19.74 13.80 18.50
C PRO B 86 -19.04 13.72 19.85
N ASN B 87 -19.71 14.20 20.89
CA ASN B 87 -19.05 14.37 22.19
C ASN B 87 -19.16 13.17 23.12
N ALA B 88 -18.32 13.17 24.16
CA ALA B 88 -18.17 12.03 25.04
C ALA B 88 -19.40 11.69 25.88
N TYR B 89 -20.32 12.64 26.02
CA TYR B 89 -21.41 12.47 26.98
C TYR B 89 -22.79 12.33 26.35
N GLN B 90 -22.92 12.69 25.08
CA GLN B 90 -24.17 12.48 24.35
C GLN B 90 -24.09 11.27 23.43
N ALA B 91 -22.88 10.84 23.12
CA ALA B 91 -22.69 9.74 22.16
C ALA B 91 -23.38 8.46 22.60
N LYS B 92 -24.17 7.88 21.70
CA LYS B 92 -24.81 6.60 21.94
C LYS B 92 -24.03 5.51 21.24
N PHE B 93 -23.61 4.50 21.99
CA PHE B 93 -22.82 3.42 21.41
C PHE B 93 -23.70 2.53 20.53
N GLU B 94 -23.24 2.24 19.32
CA GLU B 94 -24.01 1.41 18.39
C GLU B 94 -23.36 0.05 18.12
N SER B 95 -22.06 0.05 17.88
CA SER B 95 -21.36 -1.18 17.52
C SER B 95 -19.86 -1.00 17.62
N VAL B 96 -19.12 -2.08 17.87
CA VAL B 96 -17.67 -2.03 17.66
C VAL B 96 -17.50 -2.02 16.15
N ALA B 97 -16.66 -1.14 15.62
CA ALA B 97 -16.60 -0.99 14.16
C ALA B 97 -15.47 -0.09 13.66
N TRP B 98 -14.77 -0.56 12.63
CA TRP B 98 -13.91 0.33 11.85
C TRP B 98 -14.46 0.53 10.43
N SER B 99 -15.63 -0.06 10.18
CA SER B 99 -16.41 0.20 8.98
C SER B 99 -17.86 -0.10 9.33
N ALA B 100 -18.79 0.68 8.80
CA ALA B 100 -20.18 0.56 9.26
C ALA B 100 -21.23 1.11 8.31
N THR B 101 -22.47 0.71 8.57
CA THR B 101 -23.65 1.31 7.95
C THR B 101 -24.78 1.22 8.96
N ALA B 102 -25.79 2.08 8.82
CA ALA B 102 -26.93 2.04 9.73
C ALA B 102 -28.16 2.63 9.07
N CYS B 103 -29.33 2.22 9.55
CA CYS B 103 -30.59 2.74 9.02
C CYS B 103 -31.74 2.32 9.93
N HIS B 104 -32.91 2.91 9.72
CA HIS B 104 -34.08 2.63 10.53
C HIS B 104 -35.18 2.04 9.67
N ASP B 105 -35.76 0.91 10.10
CA ASP B 105 -36.77 0.25 9.28
C ASP B 105 -38.20 0.69 9.58
N GLY B 106 -38.34 1.64 10.50
CA GLY B 106 -39.65 2.12 10.90
C GLY B 106 -39.99 1.67 12.31
N LYS B 107 -39.43 0.52 12.71
CA LYS B 107 -39.66 0.01 14.06
C LYS B 107 -38.42 0.17 14.93
N LYS B 108 -37.25 -0.20 14.39
CA LYS B 108 -36.01 -0.17 15.17
C LYS B 108 -34.81 0.29 14.35
N TRP B 109 -33.77 0.69 15.05
CA TRP B 109 -32.49 1.00 14.42
C TRP B 109 -31.74 -0.28 14.06
N LEU B 110 -31.20 -0.31 12.85
CA LEU B 110 -30.31 -1.38 12.41
C LEU B 110 -28.91 -0.80 12.27
N ALA B 111 -27.93 -1.45 12.89
CA ALA B 111 -26.54 -1.02 12.75
C ALA B 111 -25.66 -2.21 12.40
N VAL B 112 -24.83 -2.04 11.38
CA VAL B 112 -23.92 -3.08 10.94
C VAL B 112 -22.50 -2.58 11.14
N GLY B 113 -21.74 -3.23 12.02
CA GLY B 113 -20.39 -2.79 12.32
C GLY B 113 -19.37 -3.90 12.12
N ILE B 114 -18.30 -3.58 11.40
CA ILE B 114 -17.25 -4.54 11.09
C ILE B 114 -16.02 -4.30 11.95
N SER B 115 -15.52 -5.36 12.58
CA SER B 115 -14.27 -5.26 13.33
C SER B 115 -13.49 -6.56 13.16
N GLY B 116 -12.37 -6.69 13.85
CA GLY B 116 -11.54 -7.88 13.71
C GLY B 116 -10.32 -7.61 12.86
N ALA B 117 -9.51 -8.65 12.64
CA ALA B 117 -8.29 -8.53 11.87
C ALA B 117 -8.57 -8.33 10.40
N ASP B 118 -7.63 -7.73 9.67
CA ASP B 118 -7.79 -7.50 8.24
C ASP B 118 -8.12 -8.78 7.48
N ASP B 119 -7.49 -9.87 7.88
CA ASP B 119 -7.64 -11.12 7.14
C ASP B 119 -8.73 -12.05 7.70
N ASP B 120 -9.50 -11.55 8.66
CA ASP B 120 -10.58 -12.35 9.21
C ASP B 120 -11.58 -11.47 9.96
N ALA B 121 -12.01 -10.39 9.31
CA ALA B 121 -12.96 -9.46 9.92
C ALA B 121 -14.36 -10.05 9.87
N TYR B 122 -15.26 -9.50 10.66
CA TYR B 122 -16.66 -9.88 10.58
C TYR B 122 -17.56 -8.73 10.98
N ALA B 123 -18.74 -8.70 10.37
CA ALA B 123 -19.74 -7.70 10.71
C ALA B 123 -20.67 -8.25 11.76
N VAL B 124 -20.98 -7.43 12.76
CA VAL B 124 -22.02 -7.76 13.71
C VAL B 124 -23.22 -6.88 13.42
N ILE B 125 -24.37 -7.50 13.28
CA ILE B 125 -25.60 -6.75 13.04
C ILE B 125 -26.31 -6.52 14.36
N HIS B 126 -26.58 -5.24 14.66
CA HIS B 126 -27.31 -4.87 15.85
C HIS B 126 -28.70 -4.39 15.44
N TYR B 127 -29.72 -4.88 16.12
CA TYR B 127 -31.09 -4.49 15.78
C TYR B 127 -31.82 -4.11 17.07
N GLY B 128 -32.23 -2.85 17.17
CA GLY B 128 -32.85 -2.36 18.38
C GLY B 128 -31.89 -2.48 19.56
N GLY B 129 -30.60 -2.38 19.27
CA GLY B 129 -29.59 -2.43 20.30
C GLY B 129 -29.14 -3.82 20.70
N MET B 130 -29.71 -4.85 20.07
CA MET B 130 -29.36 -6.23 20.37
C MET B 130 -28.61 -6.88 19.20
N PRO B 131 -27.55 -7.64 19.52
CA PRO B 131 -26.80 -8.35 18.49
C PRO B 131 -27.64 -9.49 17.93
N THR B 132 -27.87 -9.49 16.62
CA THR B 132 -28.80 -10.44 16.02
C THR B 132 -28.14 -11.41 15.04
N ASP B 133 -27.10 -10.97 14.36
CA ASP B 133 -26.49 -11.81 13.32
C ASP B 133 -25.06 -11.40 13.02
N VAL B 134 -24.37 -12.24 12.26
CA VAL B 134 -22.98 -11.97 11.90
C VAL B 134 -22.76 -12.25 10.42
N VAL B 135 -21.92 -11.44 9.78
CA VAL B 135 -21.50 -11.71 8.42
C VAL B 135 -19.97 -11.82 8.39
N ARG B 136 -19.47 -12.98 8.02
CA ARG B 136 -18.03 -13.20 7.99
C ARG B 136 -17.41 -12.73 6.67
N SER B 137 -16.13 -12.39 6.74
CA SER B 137 -15.34 -12.04 5.56
C SER B 137 -15.26 -13.27 4.64
N TRP B 138 -15.59 -13.09 3.37
CA TRP B 138 -15.59 -14.22 2.45
C TRP B 138 -14.35 -14.27 1.55
N ARG B 139 -13.59 -13.17 1.52
CA ARG B 139 -12.35 -13.13 0.75
C ARG B 139 -11.13 -12.91 1.65
N LYS B 140 -11.39 -12.69 2.94
CA LYS B 140 -10.33 -12.52 3.93
C LYS B 140 -9.40 -11.35 3.61
N GLN B 141 -9.98 -10.24 3.15
CA GLN B 141 -9.19 -9.07 2.80
C GLN B 141 -9.96 -7.77 3.08
N ILE B 142 -10.00 -7.40 4.36
CA ILE B 142 -10.66 -6.17 4.81
C ILE B 142 -12.11 -6.07 4.37
N LEU B 143 -12.95 -6.95 4.89
CA LEU B 143 -14.39 -6.81 4.74
C LEU B 143 -14.77 -5.38 5.08
N ARG B 144 -15.53 -4.71 4.22
CA ARG B 144 -15.86 -3.32 4.44
C ARG B 144 -17.20 -2.93 3.83
N THR B 145 -17.78 -1.83 4.31
CA THR B 145 -19.12 -1.47 3.86
C THR B 145 -19.27 0.03 3.54
N GLN B 146 -20.48 0.55 3.64
CA GLN B 146 -20.82 1.83 3.00
C GLN B 146 -20.24 3.09 3.65
N GLU B 147 -20.15 3.12 4.97
CA GLU B 147 -19.87 4.35 5.71
C GLU B 147 -20.95 5.38 5.44
N SER B 148 -22.17 4.91 5.19
CA SER B 148 -23.33 5.79 5.07
C SER B 148 -24.59 4.97 5.32
N SER B 149 -25.75 5.62 5.31
CA SER B 149 -27.00 4.97 5.67
C SER B 149 -27.34 3.84 4.70
N CYS B 150 -27.83 2.73 5.26
CA CYS B 150 -28.40 1.68 4.42
C CYS B 150 -29.82 2.07 4.04
N VAL B 151 -30.52 1.18 3.34
CA VAL B 151 -31.84 1.50 2.84
C VAL B 151 -32.84 0.44 3.28
N CYS B 152 -33.93 0.88 3.93
CA CYS B 152 -34.98 -0.04 4.33
C CYS B 152 -36.26 0.21 3.54
N MET B 153 -36.87 -0.86 3.05
CA MET B 153 -38.16 -0.78 2.39
C MET B 153 -39.02 -1.95 2.83
N ASN B 154 -40.25 -1.66 3.25
CA ASN B 154 -41.22 -2.71 3.57
C ASN B 154 -40.71 -3.71 4.60
N GLY B 155 -39.87 -3.25 5.52
CA GLY B 155 -39.41 -4.11 6.59
C GLY B 155 -38.10 -4.82 6.30
N ASN B 156 -37.61 -4.67 5.08
CA ASN B 156 -36.32 -5.24 4.69
C ASN B 156 -35.27 -4.16 4.54
N CYS B 157 -34.06 -4.43 5.01
CA CYS B 157 -32.97 -3.46 4.90
C CYS B 157 -31.84 -4.01 4.04
N TYR B 158 -31.26 -3.13 3.22
CA TYR B 158 -30.29 -3.53 2.22
C TYR B 158 -29.00 -2.73 2.34
N TRP B 159 -27.85 -3.39 2.15
CA TRP B 159 -26.58 -2.68 2.10
C TRP B 159 -25.57 -3.42 1.23
N VAL B 160 -24.49 -2.72 0.88
CA VAL B 160 -23.47 -3.28 0.00
C VAL B 160 -22.16 -3.44 0.75
N MET B 161 -21.52 -4.59 0.60
CA MET B 161 -20.20 -4.82 1.20
C MET B 161 -19.18 -5.25 0.16
N THR B 162 -17.91 -4.97 0.45
CA THR B 162 -16.81 -5.35 -0.42
C THR B 162 -15.77 -6.13 0.38
N ASP B 163 -15.11 -7.06 -0.28
CA ASP B 163 -14.04 -7.84 0.34
C ASP B 163 -13.02 -8.12 -0.76
N GLY B 164 -11.75 -7.89 -0.47
CA GLY B 164 -10.72 -8.05 -1.47
C GLY B 164 -9.87 -6.80 -1.61
N PRO B 165 -8.97 -6.79 -2.60
CA PRO B 165 -8.00 -5.72 -2.80
C PRO B 165 -8.61 -4.32 -2.93
N ALA B 166 -7.87 -3.32 -2.47
CA ALA B 166 -8.28 -1.94 -2.59
C ALA B 166 -7.90 -1.35 -3.96
N ASN B 167 -6.87 -1.92 -4.58
CA ASN B 167 -6.33 -1.36 -5.83
C ASN B 167 -6.36 -2.33 -7.01
N SER B 168 -7.20 -3.35 -6.94
CA SER B 168 -7.42 -4.24 -8.07
C SER B 168 -8.74 -4.99 -7.89
N GLN B 169 -9.02 -5.94 -8.77
CA GLN B 169 -10.31 -6.64 -8.75
C GLN B 169 -10.63 -7.16 -7.36
N ALA B 170 -11.82 -6.83 -6.86
CA ALA B 170 -12.29 -7.34 -5.59
C ALA B 170 -13.66 -8.00 -5.76
N SER B 171 -14.32 -8.30 -4.65
CA SER B 171 -15.61 -8.97 -4.68
C SER B 171 -16.66 -8.10 -4.00
N TYR B 172 -17.81 -7.95 -4.65
CA TYR B 172 -18.86 -7.03 -4.20
C TYR B 172 -20.17 -7.77 -3.99
N LYS B 173 -20.81 -7.55 -2.84
CA LYS B 173 -22.05 -8.25 -2.52
C LYS B 173 -23.14 -7.33 -1.99
N ILE B 174 -24.37 -7.61 -2.38
CA ILE B 174 -25.55 -6.94 -1.85
C ILE B 174 -26.16 -7.82 -0.78
N PHE B 175 -26.53 -7.22 0.35
CA PHE B 175 -27.12 -7.97 1.45
C PHE B 175 -28.55 -7.50 1.73
N LYS B 176 -29.38 -8.45 2.14
CA LYS B 176 -30.75 -8.16 2.52
C LYS B 176 -30.97 -8.67 3.94
N SER B 177 -31.65 -7.89 4.76
CA SER B 177 -31.94 -8.31 6.13
C SER B 177 -33.37 -8.04 6.50
N HIS B 178 -33.85 -8.76 7.51
CA HIS B 178 -35.17 -8.54 8.07
C HIS B 178 -35.09 -8.72 9.58
N GLU B 179 -35.43 -7.67 10.31
CA GLU B 179 -35.32 -7.69 11.77
C GLU B 179 -33.93 -8.14 12.22
N GLY B 180 -32.91 -7.66 11.53
CA GLY B 180 -31.54 -7.87 11.96
C GLY B 180 -30.95 -9.21 11.54
N MET B 181 -31.73 -10.01 10.83
CA MET B 181 -31.22 -11.29 10.32
C MET B 181 -30.95 -11.17 8.83
N VAL B 182 -29.76 -11.59 8.40
CA VAL B 182 -29.46 -11.64 6.98
C VAL B 182 -30.32 -12.73 6.33
N THR B 183 -31.07 -12.35 5.31
CA THR B 183 -32.01 -13.28 4.69
C THR B 183 -31.69 -13.56 3.23
N ASN B 184 -30.78 -12.79 2.67
CA ASN B 184 -30.34 -13.02 1.30
C ASN B 184 -29.07 -12.24 0.98
N GLU B 185 -28.30 -12.75 0.02
CA GLU B 185 -27.12 -12.04 -0.47
C GLU B 185 -26.97 -12.33 -1.94
N ARG B 186 -26.30 -11.43 -2.66
CA ARG B 186 -26.06 -11.61 -4.08
C ARG B 186 -24.72 -11.01 -4.47
N GLU B 187 -23.86 -11.81 -5.08
CA GLU B 187 -22.60 -11.26 -5.56
C GLU B 187 -22.81 -10.52 -6.87
N VAL B 188 -22.23 -9.32 -6.95
CA VAL B 188 -22.35 -8.48 -8.14
C VAL B 188 -21.18 -8.74 -9.08
N SER B 189 -21.48 -9.20 -10.29
CA SER B 189 -20.46 -9.43 -11.30
C SER B 189 -20.08 -8.11 -11.96
N PHE B 190 -18.82 -7.74 -11.83
CA PHE B 190 -18.35 -6.42 -12.25
C PHE B 190 -16.88 -6.50 -12.63
N GLN B 191 -16.57 -7.30 -13.64
CA GLN B 191 -15.19 -7.50 -14.05
C GLN B 191 -14.58 -6.21 -14.60
N GLY B 192 -13.43 -5.82 -14.05
CA GLY B 192 -12.76 -4.60 -14.47
C GLY B 192 -13.27 -3.39 -13.71
N GLY B 193 -14.31 -3.59 -12.90
CA GLY B 193 -14.87 -2.52 -12.11
C GLY B 193 -14.55 -2.68 -10.63
N HIS B 194 -14.70 -1.60 -9.87
CA HIS B 194 -14.39 -1.61 -8.45
C HIS B 194 -15.45 -0.83 -7.71
N ILE B 195 -16.00 -1.43 -6.66
CA ILE B 195 -17.08 -0.83 -5.88
C ILE B 195 -16.71 -0.77 -4.39
N GLU B 196 -16.75 0.43 -3.83
CA GLU B 196 -16.52 0.64 -2.41
C GLU B 196 -17.40 1.78 -1.92
N GLU B 197 -17.72 1.76 -0.62
CA GLU B 197 -18.35 2.90 0.03
C GLU B 197 -19.54 3.47 -0.74
N CYS B 198 -20.49 2.61 -1.09
CA CYS B 198 -21.67 3.04 -1.82
C CYS B 198 -22.55 4.00 -1.03
N SER B 199 -22.99 5.07 -1.69
CA SER B 199 -24.02 5.95 -1.15
C SER B 199 -25.34 5.58 -1.82
N CYS B 200 -26.24 4.98 -1.05
CA CYS B 200 -27.47 4.44 -1.61
C CYS B 200 -28.70 5.16 -1.07
N TYR B 201 -29.78 5.15 -1.86
CA TYR B 201 -31.04 5.73 -1.44
C TYR B 201 -32.18 5.00 -2.12
N PRO B 202 -33.38 5.04 -1.51
CA PRO B 202 -34.57 4.44 -2.12
C PRO B 202 -35.13 5.34 -3.21
N ASN B 203 -35.60 4.73 -4.31
CA ASN B 203 -36.23 5.48 -5.38
C ASN B 203 -37.25 4.62 -6.11
N LEU B 204 -38.54 4.87 -5.83
CA LEU B 204 -39.63 4.12 -6.44
C LEU B 204 -39.48 2.62 -6.24
N GLY B 205 -39.08 2.21 -5.05
CA GLY B 205 -39.03 0.80 -4.70
C GLY B 205 -37.76 0.09 -5.11
N LYS B 206 -36.83 0.83 -5.69
CA LYS B 206 -35.52 0.28 -6.00
C LYS B 206 -34.47 0.96 -5.15
N VAL B 207 -33.34 0.30 -4.96
CA VAL B 207 -32.22 0.94 -4.29
C VAL B 207 -31.22 1.39 -5.34
N GLU B 208 -30.91 2.68 -5.35
CA GLU B 208 -29.95 3.23 -6.30
C GLU B 208 -28.70 3.65 -5.54
N CYS B 209 -27.55 3.19 -6.02
CA CYS B 209 -26.28 3.43 -5.33
C CYS B 209 -25.26 4.10 -6.24
N VAL B 210 -24.56 5.08 -5.70
CA VAL B 210 -23.43 5.71 -6.38
C VAL B 210 -22.20 5.48 -5.52
N CYS B 211 -21.19 4.85 -6.11
CA CYS B 211 -20.09 4.32 -5.30
C CYS B 211 -18.72 4.89 -5.64
N ARG B 212 -17.70 4.29 -5.05
CA ARG B 212 -16.31 4.70 -5.26
C ARG B 212 -15.54 3.59 -5.93
N ASP B 213 -14.92 3.89 -7.05
CA ASP B 213 -14.02 2.96 -7.72
C ASP B 213 -12.60 3.32 -7.31
N ASN B 214 -11.93 2.44 -6.56
CA ASN B 214 -10.61 2.75 -6.03
C ASN B 214 -9.51 2.13 -6.88
N TRP B 215 -9.89 1.70 -8.08
CA TRP B 215 -9.00 0.96 -8.96
C TRP B 215 -8.69 1.80 -10.20
N ASN B 216 -9.39 1.52 -11.31
CA ASN B 216 -9.11 2.19 -12.58
C ASN B 216 -10.12 3.25 -13.02
N GLY B 217 -11.02 3.64 -12.14
CA GLY B 217 -12.08 4.56 -12.53
C GLY B 217 -12.10 5.90 -11.81
N MET B 218 -12.09 6.99 -12.58
CA MET B 218 -12.27 8.31 -12.02
C MET B 218 -13.74 8.72 -12.16
N ASN B 219 -14.50 7.88 -12.86
CA ASN B 219 -15.95 7.99 -12.84
C ASN B 219 -16.52 7.07 -11.76
N ARG B 220 -17.73 7.35 -11.29
CA ARG B 220 -18.31 6.57 -10.19
C ARG B 220 -19.18 5.41 -10.66
N PRO B 221 -18.98 4.23 -10.06
CA PRO B 221 -19.86 3.10 -10.33
C PRO B 221 -21.29 3.41 -9.91
N ILE B 222 -22.25 2.87 -10.66
CA ILE B 222 -23.66 2.95 -10.28
C ILE B 222 -24.20 1.53 -10.13
N LEU B 223 -24.89 1.29 -9.02
CA LEU B 223 -25.46 -0.02 -8.75
C LEU B 223 -26.93 0.15 -8.40
N ILE B 224 -27.81 -0.55 -9.11
CA ILE B 224 -29.24 -0.44 -8.89
C ILE B 224 -29.82 -1.83 -8.70
N PHE B 225 -30.56 -2.04 -7.62
CA PHE B 225 -31.16 -3.35 -7.38
C PHE B 225 -32.55 -3.29 -6.76
N ASP B 226 -33.27 -4.39 -6.83
CA ASP B 226 -34.61 -4.46 -6.26
C ASP B 226 -34.69 -5.47 -5.12
N GLU B 227 -35.90 -5.70 -4.62
CA GLU B 227 -36.12 -6.55 -3.45
C GLU B 227 -35.66 -7.99 -3.65
N ASP B 228 -35.61 -8.44 -4.89
CA ASP B 228 -35.14 -9.79 -5.21
C ASP B 228 -33.62 -9.83 -5.36
N LEU B 229 -32.99 -8.66 -5.20
CA LEU B 229 -31.55 -8.51 -5.39
C LEU B 229 -31.10 -8.68 -6.83
N ASP B 230 -32.04 -8.57 -7.76
CA ASP B 230 -31.70 -8.46 -9.18
C ASP B 230 -31.12 -7.07 -9.37
N TYR B 231 -30.00 -6.98 -10.10
CA TYR B 231 -29.28 -5.71 -10.17
C TYR B 231 -28.84 -5.32 -11.58
N GLU B 232 -28.53 -4.04 -11.73
CA GLU B 232 -27.85 -3.52 -12.89
C GLU B 232 -26.62 -2.79 -12.37
N VAL B 233 -25.47 -3.02 -13.00
CA VAL B 233 -24.25 -2.35 -12.56
C VAL B 233 -23.52 -1.72 -13.73
N GLY B 234 -22.91 -0.57 -13.47
CA GLY B 234 -22.19 0.17 -14.50
C GLY B 234 -21.54 1.42 -13.93
N TYR B 235 -21.41 2.46 -14.75
CA TYR B 235 -20.84 3.71 -14.30
C TYR B 235 -21.77 4.89 -14.57
N LEU B 236 -21.65 5.94 -13.77
CA LEU B 236 -22.39 7.17 -14.00
C LEU B 236 -22.06 7.67 -15.40
N CYS B 237 -23.09 7.78 -16.24
CA CYS B 237 -22.89 8.08 -17.65
C CYS B 237 -22.26 9.44 -17.93
N ALA B 238 -22.58 10.42 -17.10
CA ALA B 238 -22.18 11.81 -17.34
C ALA B 238 -20.74 11.95 -17.83
N GLY B 239 -20.54 12.85 -18.80
CA GLY B 239 -19.22 13.19 -19.28
C GLY B 239 -18.51 14.15 -18.35
N ILE B 240 -18.92 14.11 -17.08
CA ILE B 240 -18.30 14.91 -16.04
C ILE B 240 -17.83 13.95 -14.94
N PRO B 241 -16.50 13.87 -14.72
CA PRO B 241 -15.96 12.96 -13.70
C PRO B 241 -16.20 13.51 -12.30
N THR B 242 -16.60 12.67 -11.35
CA THR B 242 -16.91 13.17 -10.02
C THR B 242 -16.16 12.50 -8.88
N ASP B 243 -15.21 11.63 -9.20
CA ASP B 243 -14.34 11.07 -8.17
C ASP B 243 -13.16 12.01 -7.94
N THR B 244 -12.36 11.72 -6.92
CA THR B 244 -11.12 12.44 -6.67
C THR B 244 -10.07 11.43 -6.25
N PRO B 245 -8.92 11.40 -6.93
CA PRO B 245 -8.48 12.30 -8.01
C PRO B 245 -9.16 12.05 -9.35
N ARG B 246 -9.07 13.06 -10.22
CA ARG B 246 -9.64 12.97 -11.56
C ARG B 246 -8.88 13.95 -12.45
N VAL B 247 -9.26 14.02 -13.72
CA VAL B 247 -8.71 15.03 -14.62
C VAL B 247 -9.73 16.15 -14.84
N GLN B 248 -9.28 17.22 -15.49
CA GLN B 248 -10.19 18.30 -15.87
C GLN B 248 -11.32 17.77 -16.74
N ASP B 249 -12.49 18.38 -16.62
CA ASP B 249 -13.66 17.94 -17.39
C ASP B 249 -13.35 17.80 -18.87
N SER B 250 -12.61 18.76 -19.42
CA SER B 250 -12.35 18.78 -20.86
C SER B 250 -11.41 17.66 -21.33
N SER B 251 -10.78 16.97 -20.39
CA SER B 251 -9.89 15.87 -20.71
C SER B 251 -10.56 14.52 -20.48
N PHE B 252 -11.87 14.57 -20.22
CA PHE B 252 -12.62 13.39 -19.84
C PHE B 252 -13.74 13.07 -20.82
N THR B 253 -13.84 11.79 -21.20
CA THR B 253 -14.96 11.31 -21.99
C THR B 253 -15.71 10.26 -21.19
N GLY B 254 -17.00 10.49 -20.98
CA GLY B 254 -17.81 9.63 -20.14
C GLY B 254 -18.07 8.24 -20.71
N SER B 255 -18.48 7.33 -19.85
CA SER B 255 -18.86 5.98 -20.24
C SER B 255 -19.89 5.42 -19.26
N CYS B 256 -20.93 4.78 -19.79
CA CYS B 256 -21.94 4.16 -18.95
C CYS B 256 -21.51 2.76 -18.50
N THR B 257 -20.49 2.22 -19.16
CA THR B 257 -20.17 0.81 -18.99
C THR B 257 -18.77 0.52 -18.48
N ASN B 258 -17.82 1.40 -18.77
CA ASN B 258 -16.42 1.15 -18.44
C ASN B 258 -15.82 2.16 -17.47
N ALA B 259 -14.91 1.69 -16.65
CA ALA B 259 -14.12 2.58 -15.81
C ALA B 259 -13.23 3.42 -16.72
N VAL B 260 -13.23 4.73 -16.48
CA VAL B 260 -12.36 5.63 -17.22
C VAL B 260 -11.37 6.24 -16.23
N GLY B 261 -10.09 6.00 -16.46
CA GLY B 261 -9.07 6.43 -15.53
C GLY B 261 -7.77 6.84 -16.20
N GLY B 262 -6.65 6.41 -15.63
CA GLY B 262 -5.34 6.79 -16.13
C GLY B 262 -5.00 8.21 -15.74
N SER B 263 -4.00 8.77 -16.41
CA SER B 263 -3.58 10.15 -16.18
C SER B 263 -3.27 10.44 -14.71
N GLY B 264 -2.79 9.42 -14.00
CA GLY B 264 -2.38 9.59 -12.61
C GLY B 264 -3.52 9.57 -11.61
N THR B 265 -4.68 9.07 -12.03
CA THR B 265 -5.86 9.06 -11.16
C THR B 265 -6.18 7.67 -10.61
N ASN B 266 -5.43 6.66 -11.05
CA ASN B 266 -5.67 5.29 -10.61
C ASN B 266 -5.33 5.05 -9.14
N ASN B 267 -5.95 4.03 -8.58
CA ASN B 267 -5.58 3.52 -7.26
C ASN B 267 -6.00 4.37 -6.07
N TYR B 268 -6.90 5.32 -6.30
CA TYR B 268 -7.46 6.08 -5.19
C TYR B 268 -8.85 6.57 -5.53
N GLY B 269 -9.43 7.36 -4.64
CA GLY B 269 -10.79 7.85 -4.82
C GLY B 269 -11.29 8.41 -3.52
N VAL B 270 -12.56 8.80 -3.49
CA VAL B 270 -13.17 9.30 -2.28
C VAL B 270 -14.65 8.92 -2.29
N LYS B 271 -15.21 8.63 -1.13
CA LYS B 271 -16.63 8.32 -1.06
C LYS B 271 -17.40 9.54 -1.52
N GLY B 272 -18.38 9.33 -2.38
CA GLY B 272 -19.19 10.42 -2.90
C GLY B 272 -20.61 9.96 -3.15
N PHE B 273 -21.41 10.81 -3.79
CA PHE B 273 -22.82 10.50 -3.99
C PHE B 273 -23.39 11.12 -5.25
N GLY B 274 -24.60 10.68 -5.59
CA GLY B 274 -25.37 11.26 -6.67
C GLY B 274 -26.84 10.90 -6.50
N PHE B 275 -27.72 11.75 -7.02
CA PHE B 275 -29.15 11.48 -6.98
C PHE B 275 -29.74 11.50 -8.38
N ARG B 276 -30.36 10.40 -8.80
CA ARG B 276 -31.07 10.40 -10.07
C ARG B 276 -32.24 11.37 -10.00
N GLN B 277 -32.43 12.11 -11.08
CA GLN B 277 -33.54 13.05 -11.20
C GLN B 277 -34.18 12.84 -12.57
N GLY B 278 -35.02 11.82 -12.67
CA GLY B 278 -35.52 11.40 -13.97
C GLY B 278 -34.37 10.86 -14.78
N ASN B 279 -34.02 11.56 -15.85
CA ASN B 279 -32.86 11.19 -16.66
C ASN B 279 -31.60 11.97 -16.28
N SER B 280 -31.76 12.99 -15.44
CA SER B 280 -30.64 13.81 -15.00
C SER B 280 -30.08 13.31 -13.68
N VAL B 281 -29.06 13.99 -13.18
CA VAL B 281 -28.43 13.59 -11.92
C VAL B 281 -27.83 14.79 -11.18
N TRP B 282 -28.06 14.83 -9.86
CA TRP B 282 -27.31 15.71 -8.97
C TRP B 282 -26.09 14.92 -8.50
N ALA B 283 -24.90 15.45 -8.73
CA ALA B 283 -23.69 14.76 -8.29
C ALA B 283 -22.77 15.68 -7.51
N GLY B 284 -22.25 15.21 -6.40
CA GLY B 284 -21.31 15.98 -5.62
C GLY B 284 -19.88 15.72 -6.06
N ARG B 285 -19.00 16.69 -5.85
CA ARG B 285 -17.58 16.47 -6.06
C ARG B 285 -16.73 17.53 -5.38
N THR B 286 -15.49 17.18 -5.07
CA THR B 286 -14.55 18.14 -4.53
C THR B 286 -14.30 19.17 -5.61
N VAL B 287 -13.90 20.37 -5.21
CA VAL B 287 -13.56 21.40 -6.19
C VAL B 287 -12.20 21.08 -6.83
N SER B 288 -11.24 20.72 -5.99
CA SER B 288 -9.93 20.28 -6.47
C SER B 288 -10.06 18.96 -7.24
N ILE B 289 -9.27 18.80 -8.29
CA ILE B 289 -9.27 17.55 -9.04
C ILE B 289 -8.30 16.54 -8.45
N SER B 290 -7.46 16.96 -7.52
CA SER B 290 -6.38 16.10 -7.02
C SER B 290 -6.46 15.79 -5.53
N SER B 291 -6.97 16.74 -4.74
CA SER B 291 -7.04 16.54 -3.30
C SER B 291 -8.46 16.73 -2.79
N ARG B 292 -8.69 16.36 -1.55
CA ARG B 292 -10.01 16.50 -0.94
C ARG B 292 -10.17 17.93 -0.43
N SER B 293 -10.43 18.82 -1.38
CA SER B 293 -10.47 20.25 -1.11
C SER B 293 -11.69 20.85 -1.79
N GLY B 294 -12.47 21.62 -1.03
CA GLY B 294 -13.68 22.23 -1.56
C GLY B 294 -14.78 21.22 -1.80
N PHE B 295 -15.99 21.71 -2.03
CA PHE B 295 -17.09 20.83 -2.41
C PHE B 295 -18.21 21.57 -3.13
N GLU B 296 -18.68 20.97 -4.22
CA GLU B 296 -19.76 21.53 -5.01
C GLU B 296 -20.71 20.44 -5.43
N ILE B 297 -21.93 20.81 -5.79
CA ILE B 297 -22.90 19.86 -6.32
C ILE B 297 -23.38 20.34 -7.67
N LEU B 298 -23.48 19.41 -8.62
CA LEU B 298 -23.79 19.73 -10.00
C LEU B 298 -25.04 19.00 -10.45
N LEU B 299 -25.93 19.72 -11.11
CA LEU B 299 -27.06 19.09 -11.79
C LEU B 299 -26.67 18.90 -13.25
N ILE B 300 -26.56 17.65 -13.68
CA ILE B 300 -26.11 17.34 -15.03
C ILE B 300 -27.27 16.86 -15.88
N GLU B 301 -27.61 17.62 -16.92
CA GLU B 301 -28.75 17.29 -17.77
C GLU B 301 -28.56 15.94 -18.46
N ASP B 302 -29.49 15.02 -18.21
CA ASP B 302 -29.45 13.69 -18.80
C ASP B 302 -28.20 12.91 -18.39
N GLY B 303 -27.57 13.32 -17.29
CA GLY B 303 -26.32 12.72 -16.85
C GLY B 303 -26.43 11.29 -16.34
N TRP B 304 -27.65 10.82 -16.11
CA TRP B 304 -27.85 9.46 -15.64
C TRP B 304 -27.91 8.45 -16.78
N ILE B 305 -28.24 8.92 -17.99
CA ILE B 305 -28.47 8.02 -19.10
C ILE B 305 -27.54 8.21 -20.30
N ARG B 306 -26.85 9.35 -20.37
CA ARG B 306 -25.92 9.59 -21.46
C ARG B 306 -24.71 10.42 -21.05
N THR B 307 -23.67 10.40 -21.88
CA THR B 307 -22.41 11.05 -21.56
C THR B 307 -22.48 12.57 -21.70
N SER B 308 -23.45 13.17 -21.04
CA SER B 308 -23.69 14.60 -21.10
C SER B 308 -22.63 15.42 -20.35
N LYS B 309 -22.32 16.59 -20.90
CA LYS B 309 -21.42 17.53 -20.25
C LYS B 309 -22.17 18.81 -19.90
N THR B 310 -23.49 18.74 -20.02
CA THR B 310 -24.34 19.91 -19.79
C THR B 310 -24.67 20.09 -18.31
N ILE B 311 -24.01 21.08 -17.69
CA ILE B 311 -24.27 21.38 -16.29
C ILE B 311 -25.34 22.47 -16.19
N VAL B 312 -26.52 22.09 -15.71
CA VAL B 312 -27.65 23.01 -15.64
C VAL B 312 -27.61 23.87 -14.37
N LYS B 313 -27.10 23.30 -13.28
CA LYS B 313 -26.91 24.03 -12.04
C LYS B 313 -25.62 23.63 -11.35
N LYS B 314 -24.97 24.58 -10.70
CA LYS B 314 -23.82 24.29 -9.85
C LYS B 314 -23.91 25.09 -8.57
N VAL B 315 -23.74 24.42 -7.43
CA VAL B 315 -23.77 25.10 -6.14
C VAL B 315 -22.58 24.68 -5.31
N GLU B 316 -21.83 25.67 -4.82
CA GLU B 316 -20.67 25.41 -3.98
C GLU B 316 -21.06 25.57 -2.52
N VAL B 317 -20.71 24.60 -1.70
CA VAL B 317 -21.02 24.65 -0.26
C VAL B 317 -19.74 24.69 0.58
N LEU B 318 -18.60 24.59 -0.09
CA LEU B 318 -17.30 24.70 0.56
C LEU B 318 -16.29 25.15 -0.49
N ASN B 319 -15.64 26.28 -0.27
CA ASN B 319 -14.70 26.78 -1.27
C ASN B 319 -13.39 25.99 -1.29
N ASN B 320 -12.60 26.21 -2.32
CA ASN B 320 -11.40 25.40 -2.54
C ASN B 320 -10.25 25.73 -1.60
N LYS B 321 -10.47 26.68 -0.69
CA LYS B 321 -9.44 27.02 0.28
C LYS B 321 -9.59 26.22 1.56
N ASN B 322 -10.55 25.30 1.55
CA ASN B 322 -10.86 24.52 2.74
C ASN B 322 -10.94 23.03 2.46
N TRP B 323 -10.58 22.22 3.46
CA TRP B 323 -10.53 20.77 3.30
C TRP B 323 -11.91 20.13 3.36
N SER B 324 -12.15 19.19 2.45
CA SER B 324 -13.37 18.41 2.48
C SER B 324 -13.07 16.96 2.83
N GLY B 325 -13.69 16.02 2.12
CA GLY B 325 -13.56 14.61 2.44
C GLY B 325 -14.72 13.81 1.88
N TYR B 326 -15.15 12.79 2.61
CA TYR B 326 -16.26 11.94 2.20
C TYR B 326 -17.55 12.73 2.08
N SER B 327 -18.47 12.24 1.26
CA SER B 327 -19.82 12.78 1.22
C SER B 327 -20.77 11.61 0.93
N GLY B 328 -22.01 11.73 1.36
CA GLY B 328 -22.93 10.61 1.26
C GLY B 328 -24.39 11.00 1.21
N ALA B 329 -25.23 10.06 0.77
CA ALA B 329 -26.65 10.34 0.58
C ALA B 329 -27.53 9.71 1.66
N PHE B 330 -28.64 10.39 1.93
CA PHE B 330 -29.73 9.77 2.69
C PHE B 330 -31.04 10.41 2.27
N THR B 331 -32.15 9.86 2.76
CA THR B 331 -33.46 10.44 2.46
C THR B 331 -34.28 10.62 3.73
N ILE B 332 -35.19 11.58 3.69
CA ILE B 332 -36.13 11.78 4.79
C ILE B 332 -37.43 11.08 4.45
N PRO B 333 -37.90 10.20 5.34
CA PRO B 333 -39.13 9.42 5.11
C PRO B 333 -40.39 10.28 5.17
N ILE B 334 -41.47 9.76 4.58
CA ILE B 334 -42.75 10.45 4.54
C ILE B 334 -43.31 10.75 5.92
N THR B 335 -42.97 9.91 6.89
CA THR B 335 -43.50 10.07 8.25
C THR B 335 -43.01 11.35 8.92
N MET B 336 -42.06 12.02 8.28
CA MET B 336 -41.50 13.26 8.83
C MET B 336 -41.91 14.48 8.03
N THR B 337 -42.17 14.27 6.74
CA THR B 337 -42.41 15.37 5.82
C THR B 337 -43.87 15.52 5.43
N SER B 338 -44.61 14.42 5.52
CA SER B 338 -46.00 14.38 5.08
C SER B 338 -46.10 14.60 3.57
N LYS B 339 -45.01 14.35 2.86
CA LYS B 339 -44.98 14.51 1.42
C LYS B 339 -45.32 13.20 0.73
N GLN B 340 -45.36 13.22 -0.60
CA GLN B 340 -45.68 12.03 -1.39
C GLN B 340 -44.41 11.48 -2.01
N CYS B 341 -43.28 12.13 -1.75
CA CYS B 341 -42.00 11.69 -2.29
C CYS B 341 -40.93 11.72 -1.20
N LEU B 342 -39.81 11.06 -1.46
CA LEU B 342 -38.71 11.01 -0.51
C LEU B 342 -37.74 12.16 -0.77
N VAL B 343 -37.39 12.88 0.29
CA VAL B 343 -36.53 14.05 0.15
C VAL B 343 -35.06 13.66 0.16
N PRO B 344 -34.33 13.99 -0.90
CA PRO B 344 -32.90 13.67 -0.99
C PRO B 344 -32.06 14.64 -0.16
N CYS B 345 -31.16 14.10 0.65
CA CYS B 345 -30.25 14.91 1.45
C CYS B 345 -28.84 14.37 1.31
N PHE B 346 -27.86 15.22 1.57
CA PHE B 346 -26.49 14.73 1.63
C PHE B 346 -25.73 15.34 2.79
N TRP B 347 -24.66 14.68 3.19
CA TRP B 347 -23.77 15.22 4.21
C TRP B 347 -22.39 15.32 3.63
N LEU B 348 -21.58 16.22 4.19
CA LEU B 348 -20.22 16.43 3.75
C LEU B 348 -19.28 16.31 4.95
N GLU B 349 -18.24 15.51 4.79
CA GLU B 349 -17.21 15.37 5.81
C GLU B 349 -16.07 16.33 5.52
N MET B 350 -15.61 17.04 6.54
CA MET B 350 -14.49 17.95 6.39
C MET B 350 -13.33 17.52 7.28
N ILE B 351 -12.30 16.95 6.66
CA ILE B 351 -11.20 16.32 7.37
C ILE B 351 -10.14 17.33 7.75
N ARG B 352 -9.71 17.29 9.01
CA ARG B 352 -8.61 18.13 9.47
C ARG B 352 -7.48 17.25 10.02
N GLY B 353 -6.26 17.75 9.94
CA GLY B 353 -5.10 17.01 10.41
C GLY B 353 -4.40 16.25 9.29
N LYS B 354 -3.79 15.12 9.63
CA LYS B 354 -3.08 14.33 8.62
C LYS B 354 -4.02 13.78 7.57
N PRO B 355 -3.55 13.62 6.32
CA PRO B 355 -2.17 13.87 5.89
C PRO B 355 -1.92 15.28 5.40
N GLU B 356 -2.98 16.06 5.13
CA GLU B 356 -2.80 17.37 4.50
C GLU B 356 -2.20 18.41 5.45
N GLU B 357 -2.44 18.23 6.74
CA GLU B 357 -1.90 19.16 7.72
C GLU B 357 -0.90 18.44 8.62
N ARG B 358 0.34 18.37 8.13
CA ARG B 358 1.38 17.53 8.72
C ARG B 358 1.80 17.92 10.14
N THR B 359 1.55 19.16 10.53
CA THR B 359 1.97 19.63 11.84
C THR B 359 1.06 19.16 12.98
N SER B 360 -0.02 18.46 12.63
CA SER B 360 -0.87 17.83 13.64
C SER B 360 -0.60 16.33 13.73
N ILE B 361 -0.74 15.78 14.94
CA ILE B 361 -0.45 14.37 15.16
C ILE B 361 -1.68 13.51 14.93
N TRP B 362 -2.83 14.17 14.72
CA TRP B 362 -4.11 13.50 14.68
C TRP B 362 -4.86 13.75 13.38
N THR B 363 -5.94 13.00 13.18
CA THR B 363 -6.85 13.23 12.08
C THR B 363 -8.27 13.12 12.61
N SER B 364 -9.11 14.09 12.29
CA SER B 364 -10.54 13.98 12.60
C SER B 364 -11.35 14.72 11.56
N SER B 365 -12.67 14.74 11.73
CA SER B 365 -13.51 15.48 10.79
C SER B 365 -14.75 16.05 11.46
N SER B 366 -15.34 17.04 10.82
CA SER B 366 -16.65 17.53 11.22
C SER B 366 -17.54 17.47 9.99
N SER B 367 -18.80 17.86 10.12
CA SER B 367 -19.73 17.68 9.02
C SER B 367 -20.69 18.83 8.82
N THR B 368 -21.16 18.96 7.58
CA THR B 368 -22.32 19.79 7.28
C THR B 368 -23.34 18.90 6.58
N VAL B 369 -24.62 19.26 6.70
CA VAL B 369 -25.69 18.47 6.12
C VAL B 369 -26.63 19.38 5.34
N PHE B 370 -27.08 18.90 4.17
CA PHE B 370 -27.91 19.69 3.27
C PHE B 370 -29.08 18.87 2.77
N CYS B 371 -30.23 19.49 2.61
CA CYS B 371 -31.40 18.77 2.09
C CYS B 371 -32.00 19.46 0.88
N GLY B 372 -32.54 18.65 -0.03
CA GLY B 372 -33.10 19.18 -1.28
C GLY B 372 -34.40 19.91 -1.07
N VAL B 373 -34.58 21.00 -1.81
CA VAL B 373 -35.80 21.80 -1.77
C VAL B 373 -36.26 22.12 -3.18
N SER B 374 -37.52 22.53 -3.31
CA SER B 374 -38.13 22.72 -4.62
C SER B 374 -37.67 23.97 -5.35
N SER B 375 -36.90 24.81 -4.67
CA SER B 375 -36.43 26.06 -5.26
C SER B 375 -34.91 26.16 -5.25
N GLU B 376 -34.37 27.08 -6.05
CA GLU B 376 -32.94 27.30 -6.08
C GLU B 376 -32.47 27.93 -4.77
N VAL B 377 -31.29 27.54 -4.31
CA VAL B 377 -30.74 28.01 -3.06
C VAL B 377 -29.30 28.45 -3.26
N PRO B 378 -28.94 29.63 -2.74
CA PRO B 378 -27.57 30.13 -2.85
C PRO B 378 -26.59 29.22 -2.15
N GLY B 379 -25.34 29.21 -2.61
CA GLY B 379 -24.29 28.49 -1.91
C GLY B 379 -23.54 29.44 -0.99
N TRP B 380 -22.59 28.88 -0.25
CA TRP B 380 -21.67 29.66 0.56
C TRP B 380 -20.49 28.73 0.84
N SER B 381 -19.72 29.04 1.88
CA SER B 381 -18.65 28.14 2.29
C SER B 381 -18.74 27.93 3.80
N TRP B 382 -19.28 26.78 4.19
CA TRP B 382 -19.39 26.44 5.60
C TRP B 382 -18.26 25.49 5.95
N ASP B 383 -17.08 26.06 6.23
CA ASP B 383 -15.88 25.26 6.49
C ASP B 383 -15.82 24.76 7.94
N ASP B 384 -14.94 23.79 8.18
CA ASP B 384 -14.78 23.22 9.51
C ASP B 384 -14.54 24.32 10.54
N GLY B 385 -13.60 25.22 10.23
CA GLY B 385 -13.38 26.40 11.05
C GLY B 385 -12.42 26.25 12.21
N ALA B 386 -11.89 25.05 12.43
CA ALA B 386 -10.93 24.86 13.51
C ALA B 386 -9.60 25.52 13.18
N ILE B 387 -8.92 26.04 14.21
CA ILE B 387 -7.63 26.67 14.04
C ILE B 387 -6.54 25.71 14.51
N LEU B 388 -5.78 25.17 13.56
CA LEU B 388 -4.70 24.24 13.87
C LEU B 388 -3.36 24.95 13.84
N PRO B 389 -2.35 24.39 14.51
CA PRO B 389 -2.39 23.14 15.29
C PRO B 389 -3.09 23.32 16.63
N PHE B 390 -3.41 22.19 17.28
CA PHE B 390 -4.03 22.21 18.61
C PHE B 390 -2.95 22.10 19.70
N ASP B 391 -3.36 22.29 20.95
CA ASP B 391 -2.45 22.18 22.09
C ASP B 391 -1.61 20.89 22.06
N ILE B 392 -2.28 19.76 21.81
CA ILE B 392 -1.63 18.46 21.85
C ILE B 392 -0.52 18.35 20.80
N ASP B 393 -0.60 19.17 19.76
CA ASP B 393 0.35 19.12 18.65
C ASP B 393 1.67 19.80 18.98
N LYS B 394 1.69 20.54 20.09
CA LYS B 394 2.85 21.35 20.45
C LYS B 394 3.58 20.77 21.65
#